data_3GXK
#
_entry.id   3GXK
#
_cell.length_a   110.120
_cell.length_b   75.390
_cell.length_c   78.370
_cell.angle_alpha   90.00
_cell.angle_beta   92.92
_cell.angle_gamma   90.00
#
_symmetry.space_group_name_H-M   'C 1 2 1'
#
loop_
_entity.id
_entity.type
_entity.pdbx_description
1 polymer 'Goose-type lysozyme 1'
2 non-polymer 'COBALT (II) ION'
3 water water
#
_entity_poly.entity_id   1
_entity_poly.type   'polypeptide(L)'
_entity_poly.pdbx_seq_one_letter_code
;VGYGDITQVETSGASSKTSRQDKLEYDGVRASHTMAQTDAGRMEKYKSFINNVAKKHVVDPAVIAAIISRESRAGNVIFN
TTPPGWGDNYNGFGLMQVDKRYHEPRGAWNSEEHIDQATGILVNFIQLIQKKFPSWSTEQQLKGAIAAYNTGDGRVESYE
SVDSRTTGKDYSNDVVARAQWYKKNGF
;
_entity_poly.pdbx_strand_id   A,B,C,D
#
# COMPACT_ATOMS: atom_id res chain seq x y z
N TYR A 3 -4.09 -20.69 1.52
CA TYR A 3 -5.52 -21.06 1.22
C TYR A 3 -6.11 -20.43 -0.06
N GLY A 4 -5.30 -20.10 -1.05
CA GLY A 4 -5.83 -19.45 -2.25
C GLY A 4 -5.37 -18.00 -2.25
N ASP A 5 -4.98 -17.50 -3.42
CA ASP A 5 -4.51 -16.13 -3.57
C ASP A 5 -5.73 -15.20 -3.74
N ILE A 6 -5.89 -14.26 -2.81
CA ILE A 6 -7.04 -13.35 -2.86
C ILE A 6 -7.11 -12.48 -4.17
N THR A 7 -5.93 -12.16 -4.71
CA THR A 7 -5.81 -11.36 -5.95
C THR A 7 -6.31 -12.14 -7.16
N GLN A 8 -6.35 -13.46 -7.04
CA GLN A 8 -6.89 -14.28 -8.14
C GLN A 8 -8.35 -14.67 -8.09
N VAL A 9 -9.05 -14.35 -7.00
CA VAL A 9 -10.49 -14.59 -6.93
C VAL A 9 -11.27 -13.60 -7.82
N GLU A 10 -12.22 -14.13 -8.60
CA GLU A 10 -13.05 -13.36 -9.47
C GLU A 10 -14.11 -12.73 -8.58
N THR A 11 -14.47 -11.48 -8.87
CA THR A 11 -15.47 -10.80 -8.08
C THR A 11 -16.20 -9.76 -8.89
N SER A 12 -17.49 -9.70 -8.68
CA SER A 12 -18.34 -8.62 -9.19
C SER A 12 -18.66 -7.55 -8.13
N GLY A 13 -18.02 -7.61 -6.97
CA GLY A 13 -18.26 -6.59 -5.96
C GLY A 13 -19.64 -6.58 -5.30
N ALA A 14 -20.00 -5.40 -4.80
CA ALA A 14 -21.21 -5.20 -4.02
C ALA A 14 -22.41 -5.11 -4.95
N SER A 15 -23.55 -5.56 -4.45
CA SER A 15 -24.79 -5.36 -5.22
C SER A 15 -25.22 -3.91 -5.16
N SER A 16 -26.24 -3.56 -5.97
CA SER A 16 -26.82 -2.22 -5.95
C SER A 16 -27.44 -1.91 -4.61
N LYS A 17 -28.19 -2.88 -4.07
CA LYS A 17 -28.75 -2.79 -2.68
C LYS A 17 -27.70 -2.40 -1.65
N THR A 18 -26.64 -3.20 -1.57
CA THR A 18 -25.54 -2.90 -0.62
C THR A 18 -24.88 -1.54 -0.85
N SER A 19 -24.62 -1.24 -2.12
CA SER A 19 -24.01 0.06 -2.51
C SER A 19 -24.95 1.27 -2.19
N ARG A 20 -26.24 1.18 -2.50
CA ARG A 20 -27.24 2.22 -2.05
C ARG A 20 -27.21 2.48 -0.51
N GLN A 21 -27.25 1.42 0.29
CA GLN A 21 -27.16 1.59 1.75
C GLN A 21 -25.99 2.47 2.16
N ASP A 22 -24.90 2.47 1.39
CA ASP A 22 -23.76 3.35 1.69
C ASP A 22 -23.89 4.69 1.01
N LYS A 23 -25.07 4.98 0.48
CA LYS A 23 -25.32 6.24 -0.27
C LYS A 23 -24.41 6.42 -1.49
N LEU A 24 -24.07 5.31 -2.15
CA LEU A 24 -23.23 5.36 -3.35
C LEU A 24 -24.00 5.39 -4.66
N GLU A 25 -23.57 6.23 -5.61
CA GLU A 25 -24.24 6.28 -6.93
C GLU A 25 -23.85 5.18 -7.93
N TYR A 26 -22.85 4.36 -7.56
CA TYR A 26 -22.36 3.27 -8.40
C TYR A 26 -22.35 1.95 -7.57
N ASP A 27 -22.15 0.82 -8.24
CA ASP A 27 -22.09 -0.45 -7.50
C ASP A 27 -20.85 -1.27 -7.84
N GLY A 28 -20.88 -2.58 -7.58
CA GLY A 28 -19.79 -3.44 -8.01
C GLY A 28 -18.52 -3.28 -7.24
N VAL A 29 -17.38 -3.58 -7.90
CA VAL A 29 -16.10 -3.63 -7.23
C VAL A 29 -15.67 -2.22 -6.76
N ARG A 30 -16.01 -1.18 -7.56
CA ARG A 30 -15.74 0.20 -7.15
C ARG A 30 -16.40 0.54 -5.81
N ALA A 31 -17.64 0.11 -5.66
CA ALA A 31 -18.36 0.34 -4.40
C ALA A 31 -17.73 -0.42 -3.21
N SER A 32 -17.32 -1.66 -3.45
CA SER A 32 -16.61 -2.42 -2.41
C SER A 32 -15.33 -1.70 -2.05
N HIS A 33 -14.55 -1.24 -3.05
CA HIS A 33 -13.33 -0.43 -2.77
C HIS A 33 -13.64 0.79 -1.88
N THR A 34 -14.67 1.54 -2.24
CA THR A 34 -15.06 2.74 -1.45
C THR A 34 -15.41 2.36 0.00
N MET A 35 -16.21 1.31 0.16
CA MET A 35 -16.61 0.90 1.55
C MET A 35 -15.41 0.41 2.39
N ALA A 36 -14.50 -0.32 1.73
CA ALA A 36 -13.28 -0.76 2.41
C ALA A 36 -12.45 0.46 2.81
N GLN A 37 -12.29 1.39 1.88
CA GLN A 37 -11.53 2.64 2.13
C GLN A 37 -12.11 3.45 3.31
N THR A 38 -13.43 3.62 3.31
CA THR A 38 -14.12 4.33 4.38
C THR A 38 -13.77 3.74 5.75
N ASP A 39 -13.61 2.41 5.79
CA ASP A 39 -13.36 1.67 7.06
C ASP A 39 -11.90 1.51 7.40
N ALA A 40 -11.00 1.95 6.53
CA ALA A 40 -9.59 1.68 6.68
C ALA A 40 -8.95 2.37 7.88
N GLY A 41 -9.46 3.53 8.25
CA GLY A 41 -8.85 4.30 9.35
C GLY A 41 -9.16 3.59 10.67
N ARG A 42 -10.44 3.24 10.88
CA ARG A 42 -10.87 2.38 12.04
C ARG A 42 -10.12 1.06 12.07
N MET A 43 -9.84 0.47 10.90
CA MET A 43 -9.12 -0.84 10.81
C MET A 43 -7.73 -0.79 11.43
N GLU A 44 -7.11 0.38 11.37
CA GLU A 44 -5.79 0.53 11.96
C GLU A 44 -5.71 0.13 13.44
N LYS A 45 -6.74 0.48 14.21
CA LYS A 45 -6.85 0.10 15.65
C LYS A 45 -6.60 -1.42 15.90
N TYR A 46 -6.99 -2.26 14.95
CA TYR A 46 -6.93 -3.68 15.15
C TYR A 46 -5.79 -4.37 14.45
N LYS A 47 -4.84 -3.58 13.91
CA LYS A 47 -3.69 -4.11 13.16
C LYS A 47 -2.91 -5.22 13.84
N SER A 48 -2.54 -5.05 15.12
CA SER A 48 -1.79 -6.10 15.81
C SER A 48 -2.58 -7.41 15.91
N PHE A 49 -3.86 -7.31 16.30
CA PHE A 49 -4.77 -8.50 16.34
C PHE A 49 -4.91 -9.15 14.98
N ILE A 50 -5.29 -8.35 13.96
CA ILE A 50 -5.42 -8.91 12.62
C ILE A 50 -4.13 -9.63 12.19
N ASN A 51 -2.96 -8.99 12.39
CA ASN A 51 -1.72 -9.64 11.92
C ASN A 51 -1.43 -10.90 12.69
N ASN A 52 -1.54 -10.85 14.01
CA ASN A 52 -1.35 -12.06 14.84
C ASN A 52 -2.24 -13.21 14.38
N VAL A 53 -3.53 -12.94 14.30
CA VAL A 53 -4.49 -13.96 13.90
C VAL A 53 -4.21 -14.51 12.47
N ALA A 54 -3.90 -13.61 11.53
CA ALA A 54 -3.55 -14.02 10.17
C ALA A 54 -2.32 -14.98 10.16
N LYS A 55 -1.32 -14.64 10.98
CA LYS A 55 -0.11 -15.48 11.19
C LYS A 55 -0.47 -16.88 11.66
N LYS A 56 -1.21 -16.95 12.77
CA LYS A 56 -1.67 -18.24 13.39
C LYS A 56 -2.46 -19.12 12.43
N HIS A 57 -3.43 -18.53 11.73
CA HIS A 57 -4.30 -19.29 10.83
C HIS A 57 -3.84 -19.44 9.38
N VAL A 58 -2.78 -18.73 9.03
CA VAL A 58 -2.28 -18.71 7.63
C VAL A 58 -3.36 -18.18 6.66
N VAL A 59 -3.94 -17.04 7.06
CA VAL A 59 -5.01 -16.38 6.29
C VAL A 59 -4.53 -14.95 6.02
N ASP A 60 -4.70 -14.49 4.79
CA ASP A 60 -4.31 -13.11 4.45
C ASP A 60 -4.98 -12.09 5.39
N PRO A 61 -4.21 -11.20 6.02
CA PRO A 61 -4.85 -10.20 6.82
C PRO A 61 -5.87 -9.33 6.09
N ALA A 62 -5.68 -9.16 4.79
CA ALA A 62 -6.61 -8.40 3.98
C ALA A 62 -7.99 -9.06 3.95
N VAL A 63 -8.02 -10.38 4.00
CA VAL A 63 -9.29 -11.13 4.04
C VAL A 63 -10.01 -10.93 5.41
N ILE A 64 -9.24 -10.98 6.49
CA ILE A 64 -9.78 -10.65 7.82
C ILE A 64 -10.31 -9.23 7.86
N ALA A 65 -9.49 -8.27 7.38
CA ALA A 65 -9.93 -6.88 7.37
C ALA A 65 -11.21 -6.73 6.53
N ALA A 66 -11.30 -7.45 5.43
CA ALA A 66 -12.48 -7.34 4.56
C ALA A 66 -13.79 -7.81 5.25
N ILE A 67 -13.67 -8.90 5.99
CA ILE A 67 -14.82 -9.41 6.78
C ILE A 67 -15.22 -8.43 7.88
N ILE A 68 -14.21 -7.86 8.55
CA ILE A 68 -14.44 -6.85 9.62
C ILE A 68 -15.17 -5.65 9.02
N SER A 69 -14.74 -5.22 7.84
CA SER A 69 -15.43 -4.13 7.16
C SER A 69 -16.87 -4.46 6.76
N ARG A 70 -17.06 -5.58 6.08
CA ARG A 70 -18.41 -6.03 5.70
C ARG A 70 -19.35 -6.20 6.92
N GLU A 71 -18.89 -6.97 7.91
CA GLU A 71 -19.74 -7.36 9.04
C GLU A 71 -20.13 -6.21 10.00
N SER A 72 -19.20 -5.32 10.34
CA SER A 72 -19.50 -4.26 11.34
C SER A 72 -18.97 -2.88 10.97
N ARG A 73 -18.46 -2.73 9.74
CA ARG A 73 -17.80 -1.50 9.33
C ARG A 73 -16.69 -1.17 10.33
N ALA A 74 -15.83 -2.14 10.67
CA ALA A 74 -14.79 -1.95 11.72
C ALA A 74 -15.30 -1.32 13.01
N GLY A 75 -16.44 -1.88 13.45
CA GLY A 75 -17.07 -1.54 14.72
C GLY A 75 -18.04 -0.36 14.69
N ASN A 76 -18.11 0.38 13.58
CA ASN A 76 -18.89 1.60 13.55
C ASN A 76 -20.38 1.40 13.73
N VAL A 77 -20.91 0.27 13.26
CA VAL A 77 -22.35 -0.01 13.42
C VAL A 77 -22.70 -0.90 14.63
N ILE A 78 -21.72 -1.25 15.46
CA ILE A 78 -21.96 -2.17 16.59
C ILE A 78 -21.47 -1.67 17.97
N PHE A 79 -20.70 -0.58 17.95
CA PHE A 79 -20.00 -0.10 19.15
C PHE A 79 -21.00 0.35 20.26
N ASN A 80 -22.20 0.72 19.83
CA ASN A 80 -23.14 1.43 20.71
C ASN A 80 -24.37 0.61 21.10
N THR A 81 -24.27 -0.71 20.90
CA THR A 81 -25.29 -1.58 21.44
C THR A 81 -25.06 -1.80 22.94
N THR A 82 -26.06 -2.34 23.61
CA THR A 82 -25.95 -2.67 25.03
C THR A 82 -26.32 -4.15 25.17
N PRO A 83 -25.34 -5.00 25.53
CA PRO A 83 -23.96 -4.61 25.71
C PRO A 83 -23.36 -4.29 24.31
N PRO A 84 -22.16 -3.71 24.26
CA PRO A 84 -21.62 -3.38 22.94
C PRO A 84 -21.15 -4.60 22.15
N GLY A 85 -21.21 -4.44 20.84
CA GLY A 85 -20.55 -5.32 19.92
C GLY A 85 -21.52 -6.22 19.20
N TRP A 86 -22.81 -5.94 19.28
CA TRP A 86 -23.83 -6.84 18.73
C TRP A 86 -24.50 -6.37 17.45
N GLY A 87 -24.89 -7.33 16.61
CA GLY A 87 -25.68 -7.05 15.45
C GLY A 87 -26.71 -8.12 15.26
N ASP A 88 -27.58 -7.95 14.27
CA ASP A 88 -28.49 -9.02 13.78
C ASP A 88 -29.68 -9.68 14.59
N ASN A 89 -30.54 -8.98 15.33
CA ASN A 89 -30.18 -7.96 16.27
C ASN A 89 -29.94 -8.85 17.53
N TYR A 90 -28.79 -8.63 18.15
CA TYR A 90 -28.28 -9.48 19.21
C TYR A 90 -28.04 -10.99 18.89
N ASN A 91 -27.80 -11.36 17.61
CA ASN A 91 -27.34 -12.72 17.22
C ASN A 91 -25.87 -12.76 16.78
N GLY A 92 -25.41 -11.75 16.04
CA GLY A 92 -23.97 -11.67 15.67
C GLY A 92 -23.15 -10.86 16.66
N PHE A 93 -22.00 -11.39 17.04
CA PHE A 93 -21.19 -10.69 18.01
C PHE A 93 -19.82 -10.33 17.49
N GLY A 94 -19.35 -9.13 17.86
CA GLY A 94 -17.98 -8.72 17.57
C GLY A 94 -17.76 -8.08 16.19
N LEU A 95 -16.55 -7.54 16.01
CA LEU A 95 -16.01 -7.05 14.71
C LEU A 95 -16.39 -7.88 13.44
N MET A 96 -16.27 -9.20 13.58
CA MET A 96 -16.55 -10.16 12.48
C MET A 96 -17.90 -10.87 12.62
N GLN A 97 -18.69 -10.48 13.60
CA GLN A 97 -20.03 -10.97 13.77
C GLN A 97 -20.14 -12.52 13.85
N VAL A 98 -19.46 -13.12 14.82
CA VAL A 98 -19.65 -14.55 15.14
C VAL A 98 -21.15 -14.75 15.49
N ASP A 99 -21.80 -15.71 14.83
CA ASP A 99 -23.20 -15.94 15.08
C ASP A 99 -23.37 -16.86 16.33
N LYS A 100 -23.96 -16.32 17.40
CA LYS A 100 -24.07 -17.02 18.67
C LYS A 100 -24.79 -18.36 18.61
N ARG A 101 -25.64 -18.53 17.59
CA ARG A 101 -26.42 -19.76 17.49
C ARG A 101 -25.57 -20.97 17.17
N TYR A 102 -24.43 -20.72 16.53
CA TYR A 102 -23.57 -21.83 16.11
C TYR A 102 -22.30 -21.99 16.93
N HIS A 103 -21.83 -20.91 17.57
CA HIS A 103 -20.71 -21.00 18.51
C HIS A 103 -20.92 -20.05 19.65
N GLU A 104 -20.36 -20.35 20.83
CA GLU A 104 -20.38 -19.40 22.00
C GLU A 104 -19.41 -18.26 21.69
N PRO A 105 -19.90 -17.01 21.60
CA PRO A 105 -18.96 -15.95 21.22
C PRO A 105 -17.99 -15.59 22.32
N ARG A 106 -16.69 -15.77 22.04
CA ARG A 106 -15.64 -15.58 23.01
C ARG A 106 -14.95 -14.20 22.88
N GLY A 107 -14.39 -13.71 24.00
CA GLY A 107 -13.61 -12.46 24.02
C GLY A 107 -14.54 -11.23 24.07
N ALA A 108 -13.92 -10.07 24.29
CA ALA A 108 -14.60 -8.79 24.13
C ALA A 108 -14.88 -8.59 22.61
N TRP A 109 -15.84 -7.74 22.30
CA TRP A 109 -16.33 -7.56 20.90
C TRP A 109 -15.25 -7.07 19.94
N ASN A 110 -14.28 -6.34 20.48
CA ASN A 110 -13.21 -5.79 19.71
C ASN A 110 -11.85 -6.43 20.06
N SER A 111 -11.85 -7.71 20.45
CA SER A 111 -10.64 -8.34 21.01
C SER A 111 -9.90 -9.26 20.05
N GLU A 112 -8.64 -9.52 20.36
CA GLU A 112 -7.91 -10.52 19.57
C GLU A 112 -8.58 -11.90 19.63
N GLU A 113 -9.03 -12.33 20.83
CA GLU A 113 -9.64 -13.64 20.96
C GLU A 113 -10.89 -13.70 20.06
N HIS A 114 -11.65 -12.61 19.96
CA HIS A 114 -12.82 -12.62 19.09
C HIS A 114 -12.33 -12.83 17.64
N ILE A 115 -11.36 -12.05 17.22
CA ILE A 115 -10.82 -12.19 15.83
C ILE A 115 -10.27 -13.59 15.54
N ASP A 116 -9.66 -14.17 16.56
CA ASP A 116 -9.10 -15.51 16.45
C ASP A 116 -10.24 -16.53 16.24
N GLN A 117 -11.34 -16.38 16.96
CA GLN A 117 -12.45 -17.31 16.81
C GLN A 117 -13.10 -17.23 15.46
N ALA A 118 -13.43 -16.00 15.06
CA ALA A 118 -14.08 -15.75 13.81
C ALA A 118 -13.24 -16.23 12.64
N THR A 119 -11.95 -15.98 12.69
CA THR A 119 -11.01 -16.52 11.67
C THR A 119 -10.88 -18.06 11.70
N GLY A 120 -10.76 -18.66 12.88
CA GLY A 120 -10.88 -20.11 12.92
C GLY A 120 -12.18 -20.65 12.30
N ILE A 121 -13.31 -19.96 12.51
CA ILE A 121 -14.58 -20.36 11.93
C ILE A 121 -14.55 -20.36 10.38
N LEU A 122 -13.96 -19.30 9.84
CA LEU A 122 -13.73 -19.18 8.38
C LEU A 122 -12.83 -20.35 7.91
N VAL A 123 -11.75 -20.61 8.62
CA VAL A 123 -10.87 -21.79 8.25
C VAL A 123 -11.69 -23.09 8.24
N ASN A 124 -12.57 -23.27 9.23
CA ASN A 124 -13.52 -24.41 9.21
C ASN A 124 -14.25 -24.49 7.87
N PHE A 125 -14.73 -23.34 7.41
CA PHE A 125 -15.51 -23.37 6.15
C PHE A 125 -14.65 -23.65 4.92
N ILE A 126 -13.39 -23.21 4.94
CA ILE A 126 -12.43 -23.50 3.84
C ILE A 126 -12.28 -25.00 3.75
N GLN A 127 -12.04 -25.62 4.91
CA GLN A 127 -11.93 -27.06 5.00
C GLN A 127 -13.17 -27.79 4.45
N LEU A 128 -14.38 -27.32 4.81
CA LEU A 128 -15.64 -27.93 4.37
C LEU A 128 -15.90 -27.74 2.85
N ILE A 129 -15.65 -26.54 2.37
CA ILE A 129 -15.74 -26.24 0.92
C ILE A 129 -14.70 -27.03 0.10
N GLN A 130 -13.46 -27.11 0.59
CA GLN A 130 -12.47 -27.99 -0.07
C GLN A 130 -12.98 -29.42 -0.19
N LYS A 131 -13.60 -29.94 0.87
CA LYS A 131 -14.19 -31.26 0.84
C LYS A 131 -15.37 -31.39 -0.12
N LYS A 132 -16.24 -30.39 -0.15
CA LYS A 132 -17.47 -30.45 -0.90
C LYS A 132 -17.22 -30.31 -2.38
N PHE A 133 -16.26 -29.46 -2.72
CA PHE A 133 -15.92 -29.11 -4.13
C PHE A 133 -14.43 -29.26 -4.38
N PRO A 134 -13.94 -30.51 -4.30
CA PRO A 134 -12.49 -30.74 -4.36
C PRO A 134 -11.83 -30.36 -5.70
N SER A 135 -12.61 -30.29 -6.78
CA SER A 135 -12.08 -29.88 -8.11
C SER A 135 -12.22 -28.40 -8.44
N TRP A 136 -13.02 -27.68 -7.65
CA TRP A 136 -12.93 -26.22 -7.73
C TRP A 136 -11.48 -25.85 -7.55
N SER A 137 -11.10 -24.69 -8.11
CA SER A 137 -9.81 -24.10 -7.86
C SER A 137 -9.69 -23.62 -6.41
N THR A 138 -8.47 -23.53 -5.93
CA THR A 138 -8.14 -23.05 -4.59
C THR A 138 -8.75 -21.65 -4.28
N GLU A 139 -8.78 -20.79 -5.30
CA GLU A 139 -9.38 -19.44 -5.20
C GLU A 139 -10.89 -19.50 -5.20
N GLN A 140 -11.46 -20.35 -6.07
CA GLN A 140 -12.90 -20.61 -6.04
C GLN A 140 -13.36 -21.17 -4.68
N GLN A 141 -12.56 -22.08 -4.13
CA GLN A 141 -12.85 -22.65 -2.80
C GLN A 141 -12.86 -21.59 -1.72
N LEU A 142 -11.92 -20.65 -1.80
CA LEU A 142 -11.81 -19.55 -0.84
C LEU A 142 -13.04 -18.64 -0.88
N LYS A 143 -13.52 -18.34 -2.09
CA LYS A 143 -14.72 -17.54 -2.25
C LYS A 143 -15.96 -18.27 -1.70
N GLY A 144 -16.08 -19.57 -2.01
CA GLY A 144 -17.16 -20.38 -1.47
C GLY A 144 -17.16 -20.44 0.06
N ALA A 145 -15.96 -20.47 0.65
CA ALA A 145 -15.77 -20.48 2.10
C ALA A 145 -16.27 -19.17 2.71
N ILE A 146 -15.99 -18.06 2.00
CA ILE A 146 -16.38 -16.73 2.49
C ILE A 146 -17.91 -16.63 2.42
N ALA A 147 -18.51 -17.14 1.33
CA ALA A 147 -19.98 -17.17 1.24
C ALA A 147 -20.58 -17.96 2.42
N ALA A 148 -19.98 -19.11 2.69
CA ALA A 148 -20.46 -20.05 3.73
C ALA A 148 -20.30 -19.48 5.15
N TYR A 149 -19.34 -18.59 5.33
CA TYR A 149 -19.22 -17.86 6.58
C TYR A 149 -20.52 -17.09 6.81
N ASN A 150 -21.09 -16.50 5.74
CA ASN A 150 -22.37 -15.81 5.87
C ASN A 150 -23.58 -16.76 5.93
N THR A 151 -23.60 -17.76 5.06
CA THR A 151 -24.85 -18.50 4.81
C THR A 151 -24.87 -20.03 5.16
N GLY A 152 -23.72 -20.57 5.54
CA GLY A 152 -23.58 -22.02 5.80
C GLY A 152 -23.17 -22.69 4.51
N ASP A 153 -22.38 -23.74 4.64
CA ASP A 153 -21.89 -24.50 3.51
C ASP A 153 -23.03 -25.26 2.81
N GLY A 154 -24.11 -25.46 3.55
CA GLY A 154 -25.32 -26.13 3.04
C GLY A 154 -26.03 -25.30 1.98
N ARG A 155 -25.79 -23.99 1.98
CA ARG A 155 -26.41 -23.14 0.97
C ARG A 155 -25.40 -22.48 -0.02
N VAL A 156 -24.21 -23.10 -0.14
CA VAL A 156 -23.30 -22.82 -1.22
C VAL A 156 -23.42 -24.04 -2.13
N GLU A 157 -24.08 -23.85 -3.27
CA GLU A 157 -24.43 -24.99 -4.11
C GLU A 157 -23.65 -25.08 -5.41
N SER A 158 -23.34 -23.92 -6.00
CA SER A 158 -22.48 -23.86 -7.20
C SER A 158 -21.58 -22.63 -7.14
N TYR A 159 -20.46 -22.65 -7.88
CA TYR A 159 -19.60 -21.46 -8.02
C TYR A 159 -20.32 -20.23 -8.62
N GLU A 160 -21.03 -20.39 -9.74
CA GLU A 160 -21.72 -19.25 -10.36
C GLU A 160 -22.81 -18.59 -9.50
N SER A 161 -23.50 -19.39 -8.71
CA SER A 161 -24.50 -18.87 -7.78
C SER A 161 -24.01 -18.84 -6.31
N VAL A 162 -22.70 -18.69 -6.11
CA VAL A 162 -22.10 -18.77 -4.75
C VAL A 162 -22.76 -17.80 -3.73
N ASP A 163 -23.21 -16.66 -4.24
CA ASP A 163 -23.70 -15.59 -3.36
C ASP A 163 -25.22 -15.50 -3.39
N SER A 164 -25.85 -16.38 -4.17
CA SER A 164 -27.28 -16.29 -4.40
C SER A 164 -28.10 -16.44 -3.12
N ARG A 165 -27.62 -17.23 -2.17
CA ARG A 165 -28.30 -17.33 -0.89
C ARG A 165 -27.60 -16.59 0.28
N THR A 166 -26.77 -15.60 -0.04
CA THR A 166 -26.19 -14.74 1.01
C THR A 166 -26.94 -13.41 1.23
N THR A 167 -26.68 -12.79 2.38
CA THR A 167 -27.14 -11.44 2.66
C THR A 167 -26.72 -10.50 1.52
N GLY A 168 -27.68 -9.72 1.01
CA GLY A 168 -27.38 -8.81 -0.10
C GLY A 168 -27.16 -9.49 -1.45
N LYS A 169 -27.20 -10.83 -1.45
CA LYS A 169 -26.88 -11.64 -2.61
C LYS A 169 -25.49 -11.33 -3.18
N ASP A 170 -24.59 -10.87 -2.30
CA ASP A 170 -23.29 -10.41 -2.76
C ASP A 170 -22.22 -10.57 -1.69
N TYR A 171 -22.44 -11.43 -0.70
CA TYR A 171 -21.53 -11.42 0.44
C TYR A 171 -20.08 -11.73 0.05
N SER A 172 -19.84 -12.85 -0.60
CA SER A 172 -18.46 -13.20 -0.97
C SER A 172 -17.88 -12.26 -2.05
N ASN A 173 -18.72 -11.85 -3.04
CA ASN A 173 -18.23 -10.91 -4.08
C ASN A 173 -17.77 -9.59 -3.43
N ASP A 174 -18.57 -9.04 -2.51
CA ASP A 174 -18.25 -7.79 -1.84
C ASP A 174 -17.02 -7.96 -0.94
N VAL A 175 -17.01 -8.97 -0.05
CA VAL A 175 -15.84 -9.20 0.86
C VAL A 175 -14.57 -9.39 0.02
N VAL A 176 -14.67 -10.19 -1.05
CA VAL A 176 -13.46 -10.41 -1.92
C VAL A 176 -12.88 -9.08 -2.49
N ALA A 177 -13.75 -8.24 -3.07
CA ALA A 177 -13.32 -6.95 -3.63
C ALA A 177 -12.77 -6.03 -2.52
N ARG A 178 -13.42 -5.96 -1.35
CA ARG A 178 -12.82 -5.24 -0.19
C ARG A 178 -11.44 -5.79 0.16
N ALA A 179 -11.27 -7.11 0.18
CA ALA A 179 -9.95 -7.71 0.52
C ALA A 179 -8.89 -7.30 -0.52
N GLN A 180 -9.29 -7.29 -1.79
CA GLN A 180 -8.36 -6.90 -2.86
C GLN A 180 -7.93 -5.43 -2.66
N TRP A 181 -8.84 -4.59 -2.18
CA TRP A 181 -8.54 -3.21 -1.86
C TRP A 181 -7.53 -3.08 -0.71
N TYR A 182 -7.71 -3.86 0.37
CA TYR A 182 -6.84 -3.74 1.54
C TYR A 182 -5.49 -4.30 1.16
N LYS A 183 -5.51 -5.31 0.29
CA LYS A 183 -4.22 -5.96 -0.11
C LYS A 183 -3.34 -4.99 -0.88
N LYS A 184 -3.95 -4.26 -1.81
CA LYS A 184 -3.25 -3.29 -2.68
C LYS A 184 -2.86 -2.05 -1.88
N ASN A 185 -3.78 -1.57 -1.04
CA ASN A 185 -3.60 -0.26 -0.42
C ASN A 185 -3.01 -0.29 0.98
N GLY A 186 -3.16 -1.44 1.65
CA GLY A 186 -2.81 -1.55 3.09
C GLY A 186 -3.74 -0.76 4.00
N PHE A 187 -3.46 -0.78 5.30
CA PHE A 187 -4.26 0.01 6.29
C PHE A 187 -3.38 0.18 7.57
N ASP B 5 1.01 -13.02 -41.10
CA ASP B 5 1.33 -14.31 -40.43
C ASP B 5 2.21 -14.14 -39.20
N ILE B 6 1.59 -14.18 -38.01
CA ILE B 6 2.28 -13.95 -36.74
C ILE B 6 3.48 -14.85 -36.51
N THR B 7 3.36 -16.08 -37.00
CA THR B 7 4.44 -17.08 -36.97
C THR B 7 5.71 -16.67 -37.77
N GLN B 8 5.61 -15.78 -38.76
CA GLN B 8 6.79 -15.35 -39.55
C GLN B 8 7.41 -13.98 -39.17
N VAL B 9 6.89 -13.42 -38.08
CA VAL B 9 7.42 -12.18 -37.55
C VAL B 9 8.66 -12.53 -36.74
N GLU B 10 9.78 -11.86 -37.04
CA GLU B 10 11.01 -12.04 -36.27
C GLU B 10 10.87 -11.41 -34.87
N THR B 11 11.26 -12.14 -33.82
CA THR B 11 11.20 -11.59 -32.47
C THR B 11 12.39 -11.95 -31.59
N SER B 12 12.89 -10.96 -30.85
CA SER B 12 13.92 -11.19 -29.85
C SER B 12 13.37 -11.30 -28.43
N GLY B 13 12.04 -11.25 -28.30
CA GLY B 13 11.30 -11.40 -27.02
C GLY B 13 11.50 -10.23 -26.09
N ALA B 14 11.39 -10.50 -24.77
CA ALA B 14 11.42 -9.43 -23.76
C ALA B 14 12.85 -8.95 -23.41
N SER B 15 12.97 -7.69 -22.95
CA SER B 15 14.19 -7.16 -22.31
C SER B 15 14.27 -7.69 -20.90
N SER B 16 15.44 -7.57 -20.26
CA SER B 16 15.52 -7.98 -18.85
C SER B 16 14.72 -7.05 -17.93
N LYS B 17 14.55 -5.78 -18.32
CA LYS B 17 13.65 -4.88 -17.57
C LYS B 17 12.23 -5.47 -17.51
N THR B 18 11.68 -5.80 -18.69
CA THR B 18 10.32 -6.33 -18.70
C THR B 18 10.18 -7.68 -17.99
N SER B 19 11.16 -8.57 -18.22
CA SER B 19 11.22 -9.92 -17.60
C SER B 19 11.04 -9.88 -16.08
N ARG B 20 11.60 -8.85 -15.45
CA ARG B 20 11.52 -8.64 -14.01
C ARG B 20 10.10 -8.39 -13.47
N GLN B 21 9.15 -8.12 -14.36
CA GLN B 21 7.77 -8.00 -13.94
C GLN B 21 7.24 -9.30 -13.35
N ASP B 22 7.79 -10.44 -13.81
CA ASP B 22 7.48 -11.73 -13.19
C ASP B 22 8.68 -12.15 -12.30
N LYS B 23 9.59 -11.22 -12.01
CA LYS B 23 10.78 -11.56 -11.25
C LYS B 23 11.64 -12.69 -11.91
N LEU B 24 11.68 -12.72 -13.25
CA LEU B 24 12.46 -13.71 -14.02
C LEU B 24 13.91 -13.31 -14.06
N GLU B 25 14.81 -14.29 -14.03
CA GLU B 25 16.25 -14.00 -14.08
C GLU B 25 16.82 -14.39 -15.45
N TYR B 26 16.00 -14.29 -16.49
CA TYR B 26 16.39 -14.52 -17.86
C TYR B 26 15.50 -13.61 -18.70
N ASP B 27 15.82 -13.50 -19.97
CA ASP B 27 15.08 -12.60 -20.88
C ASP B 27 14.73 -13.26 -22.21
N GLY B 28 14.47 -12.45 -23.23
CA GLY B 28 14.27 -12.95 -24.56
C GLY B 28 12.98 -13.72 -24.72
N VAL B 29 12.95 -14.58 -25.75
CA VAL B 29 11.73 -15.33 -26.08
C VAL B 29 11.26 -16.22 -24.91
N ARG B 30 12.21 -16.82 -24.21
CA ARG B 30 11.90 -17.73 -23.11
C ARG B 30 11.04 -16.93 -22.10
N ALA B 31 11.51 -15.74 -21.74
CA ALA B 31 10.77 -14.88 -20.83
C ALA B 31 9.39 -14.49 -21.35
N SER B 32 9.27 -14.08 -22.62
CA SER B 32 7.94 -13.76 -23.18
C SER B 32 6.97 -14.94 -23.03
N HIS B 33 7.47 -16.14 -23.27
CA HIS B 33 6.69 -17.36 -23.14
C HIS B 33 6.21 -17.60 -21.70
N THR B 34 7.11 -17.47 -20.74
CA THR B 34 6.75 -17.63 -19.30
C THR B 34 5.65 -16.62 -18.93
N MET B 35 5.81 -15.37 -19.39
CA MET B 35 4.87 -14.30 -19.02
C MET B 35 3.51 -14.52 -19.63
N ALA B 36 3.49 -14.95 -20.90
CA ALA B 36 2.25 -15.42 -21.56
C ALA B 36 1.61 -16.56 -20.78
N GLN B 37 2.42 -17.57 -20.46
CA GLN B 37 1.94 -18.70 -19.65
C GLN B 37 1.32 -18.28 -18.35
N THR B 38 2.02 -17.43 -17.58
CA THR B 38 1.50 -16.79 -16.38
C THR B 38 0.07 -16.30 -16.53
N ASP B 39 -0.20 -15.61 -17.64
CA ASP B 39 -1.45 -14.92 -17.86
C ASP B 39 -2.53 -15.81 -18.46
N ALA B 40 -2.19 -17.06 -18.79
CA ALA B 40 -3.11 -17.90 -19.63
C ALA B 40 -4.38 -18.32 -18.87
N GLY B 41 -4.27 -18.47 -17.55
CA GLY B 41 -5.45 -18.81 -16.75
C GLY B 41 -6.49 -17.69 -16.71
N ARG B 42 -6.04 -16.48 -16.38
CA ARG B 42 -6.86 -15.28 -16.52
C ARG B 42 -7.41 -15.06 -17.92
N MET B 43 -6.60 -15.36 -18.95
CA MET B 43 -6.98 -15.17 -20.36
C MET B 43 -8.21 -15.96 -20.78
N GLU B 44 -8.45 -17.11 -20.13
CA GLU B 44 -9.52 -18.02 -20.58
C GLU B 44 -10.91 -17.38 -20.51
N LYS B 45 -11.13 -16.56 -19.47
CA LYS B 45 -12.37 -15.79 -19.20
C LYS B 45 -12.70 -14.89 -20.42
N TYR B 46 -11.63 -14.45 -21.10
CA TYR B 46 -11.81 -13.55 -22.24
C TYR B 46 -11.79 -14.19 -23.63
N LYS B 47 -11.61 -15.52 -23.72
CA LYS B 47 -11.38 -16.15 -25.00
C LYS B 47 -12.46 -15.88 -26.04
N SER B 48 -13.74 -15.98 -25.64
CA SER B 48 -14.84 -15.80 -26.59
C SER B 48 -14.94 -14.38 -27.11
N PHE B 49 -14.76 -13.38 -26.23
CA PHE B 49 -14.59 -11.98 -26.64
C PHE B 49 -13.45 -11.79 -27.62
N ILE B 50 -12.27 -12.29 -27.23
CA ILE B 50 -11.06 -12.16 -28.06
C ILE B 50 -11.36 -12.68 -29.47
N ASN B 51 -11.89 -13.90 -29.52
CA ASN B 51 -12.22 -14.50 -30.83
C ASN B 51 -13.28 -13.69 -31.60
N ASN B 52 -14.34 -13.24 -30.93
CA ASN B 52 -15.31 -12.36 -31.59
C ASN B 52 -14.66 -11.12 -32.17
N VAL B 53 -13.88 -10.40 -31.36
CA VAL B 53 -13.28 -9.13 -31.82
C VAL B 53 -12.25 -9.36 -32.94
N ALA B 54 -11.47 -10.44 -32.81
CA ALA B 54 -10.49 -10.82 -33.85
C ALA B 54 -11.16 -10.94 -35.25
N LYS B 55 -12.20 -11.76 -35.34
CA LYS B 55 -12.92 -11.97 -36.61
C LYS B 55 -13.55 -10.67 -37.15
N LYS B 56 -14.00 -9.80 -36.25
CA LYS B 56 -14.53 -8.48 -36.64
C LYS B 56 -13.49 -7.61 -37.35
N HIS B 57 -12.26 -7.63 -36.82
CA HIS B 57 -11.20 -6.71 -37.22
C HIS B 57 -10.13 -7.32 -38.12
N VAL B 58 -10.19 -8.64 -38.36
CA VAL B 58 -9.17 -9.38 -39.10
C VAL B 58 -7.80 -9.22 -38.45
N VAL B 59 -7.77 -9.52 -37.15
CA VAL B 59 -6.55 -9.45 -36.35
C VAL B 59 -6.46 -10.86 -35.80
N ASP B 60 -5.26 -11.47 -35.76
CA ASP B 60 -5.14 -12.80 -35.16
C ASP B 60 -5.52 -12.77 -33.66
N PRO B 61 -6.40 -13.71 -33.23
CA PRO B 61 -6.78 -13.77 -31.79
C PRO B 61 -5.58 -13.89 -30.88
N ALA B 62 -4.54 -14.63 -31.29
CA ALA B 62 -3.33 -14.66 -30.46
C ALA B 62 -2.61 -13.29 -30.29
N VAL B 63 -2.68 -12.39 -31.31
CA VAL B 63 -2.12 -11.03 -31.16
C VAL B 63 -2.90 -10.20 -30.13
N ILE B 64 -4.22 -10.30 -30.16
CA ILE B 64 -5.08 -9.61 -29.17
C ILE B 64 -4.74 -10.17 -27.77
N ALA B 65 -4.56 -11.50 -27.66
CA ALA B 65 -4.23 -12.11 -26.34
C ALA B 65 -2.86 -11.66 -25.87
N ALA B 66 -1.93 -11.53 -26.82
CA ALA B 66 -0.57 -11.11 -26.53
C ALA B 66 -0.55 -9.68 -26.00
N ILE B 67 -1.35 -8.82 -26.62
CA ILE B 67 -1.51 -7.44 -26.15
C ILE B 67 -2.13 -7.36 -24.76
N ILE B 68 -3.19 -8.11 -24.53
CA ILE B 68 -3.80 -8.19 -23.20
C ILE B 68 -2.80 -8.64 -22.14
N SER B 69 -2.02 -9.69 -22.46
CA SER B 69 -0.95 -10.14 -21.56
C SER B 69 0.04 -9.04 -21.23
N ARG B 70 0.56 -8.40 -22.26
CA ARG B 70 1.63 -7.38 -22.11
C ARG B 70 1.16 -6.11 -21.39
N GLU B 71 -0.03 -5.64 -21.78
CA GLU B 71 -0.56 -4.35 -21.31
C GLU B 71 -1.02 -4.49 -19.88
N SER B 72 -1.72 -5.60 -19.56
CA SER B 72 -2.40 -5.69 -18.21
C SER B 72 -2.21 -6.98 -17.42
N ARG B 73 -1.38 -7.90 -17.90
CA ARG B 73 -1.24 -9.24 -17.34
C ARG B 73 -2.62 -9.87 -17.25
N ALA B 74 -3.39 -9.65 -18.31
CA ALA B 74 -4.75 -10.12 -18.43
C ALA B 74 -5.55 -9.72 -17.17
N GLY B 75 -5.37 -8.48 -16.71
CA GLY B 75 -6.22 -7.93 -15.64
C GLY B 75 -5.47 -7.84 -14.32
N ASN B 76 -4.37 -8.59 -14.19
CA ASN B 76 -3.69 -8.77 -12.89
C ASN B 76 -2.99 -7.52 -12.36
N VAL B 77 -2.66 -6.57 -13.21
CA VAL B 77 -2.04 -5.35 -12.68
C VAL B 77 -3.00 -4.16 -12.70
N ILE B 78 -4.24 -4.38 -13.17
CA ILE B 78 -5.29 -3.33 -13.24
C ILE B 78 -6.61 -3.59 -12.47
N PHE B 79 -6.87 -4.86 -12.05
CA PHE B 79 -8.16 -5.24 -11.43
C PHE B 79 -8.42 -4.51 -10.08
N ASN B 80 -7.34 -4.07 -9.45
CA ASN B 80 -7.35 -3.56 -8.09
C ASN B 80 -6.95 -2.08 -7.98
N THR B 81 -6.93 -1.38 -9.10
CA THR B 81 -6.85 0.07 -9.06
C THR B 81 -8.20 0.66 -8.57
N THR B 82 -8.16 1.91 -8.19
CA THR B 82 -9.39 2.60 -7.85
C THR B 82 -9.55 3.89 -8.67
N PRO B 83 -10.52 3.91 -9.59
CA PRO B 83 -11.45 2.86 -9.96
C PRO B 83 -10.71 1.74 -10.69
N PRO B 84 -11.35 0.55 -10.83
CA PRO B 84 -10.63 -0.57 -11.46
C PRO B 84 -10.32 -0.36 -12.94
N GLY B 85 -9.21 -0.91 -13.40
CA GLY B 85 -9.06 -1.03 -14.86
C GLY B 85 -8.03 -0.10 -15.45
N TRP B 86 -7.33 0.64 -14.56
CA TRP B 86 -6.40 1.66 -15.00
C TRP B 86 -4.91 1.33 -14.86
N GLY B 87 -4.12 1.76 -15.84
CA GLY B 87 -2.68 1.69 -15.75
C GLY B 87 -2.09 2.90 -16.47
N ASP B 88 -0.79 2.82 -16.73
CA ASP B 88 0.00 3.95 -17.20
C ASP B 88 -0.27 5.26 -16.46
N ASN B 89 -0.10 5.27 -15.14
CA ASN B 89 -0.30 6.52 -14.35
C ASN B 89 -1.72 7.05 -14.48
N TYR B 90 -2.70 6.15 -14.60
CA TYR B 90 -4.11 6.49 -14.82
C TYR B 90 -4.44 7.12 -16.18
N ASN B 91 -3.58 6.88 -17.18
CA ASN B 91 -3.85 7.32 -18.56
C ASN B 91 -4.42 6.21 -19.45
N GLY B 92 -4.03 4.96 -19.19
CA GLY B 92 -4.54 3.83 -19.97
C GLY B 92 -5.59 3.03 -19.28
N PHE B 93 -6.61 2.61 -20.03
CA PHE B 93 -7.75 1.92 -19.47
C PHE B 93 -8.07 0.59 -20.18
N GLY B 94 -8.38 -0.42 -19.35
CA GLY B 94 -8.86 -1.66 -19.87
C GLY B 94 -7.76 -2.71 -20.00
N LEU B 95 -8.16 -3.95 -20.24
CA LEU B 95 -7.22 -5.04 -20.56
C LEU B 95 -6.10 -4.65 -21.55
N MET B 96 -6.46 -3.89 -22.58
CA MET B 96 -5.53 -3.55 -23.65
C MET B 96 -5.02 -2.13 -23.57
N GLN B 97 -5.42 -1.44 -22.49
CA GLN B 97 -4.93 -0.10 -22.15
C GLN B 97 -5.11 0.99 -23.23
N VAL B 98 -6.36 1.29 -23.56
CA VAL B 98 -6.72 2.43 -24.44
C VAL B 98 -6.28 3.74 -23.76
N ASP B 99 -5.50 4.55 -24.46
CA ASP B 99 -4.96 5.80 -23.89
C ASP B 99 -6.07 6.88 -23.86
N LYS B 100 -6.42 7.38 -22.67
CA LYS B 100 -7.50 8.37 -22.52
C LYS B 100 -7.06 9.73 -23.10
N ARG B 101 -5.77 9.92 -23.39
CA ARG B 101 -5.36 11.23 -23.97
C ARG B 101 -5.69 11.37 -25.48
N TYR B 102 -6.00 10.27 -26.14
CA TYR B 102 -6.29 10.29 -27.59
C TYR B 102 -7.62 9.63 -27.98
N HIS B 103 -8.26 8.96 -27.01
CA HIS B 103 -9.52 8.30 -27.25
C HIS B 103 -10.43 8.48 -26.07
N GLU B 104 -11.73 8.37 -26.33
CA GLU B 104 -12.73 8.26 -25.27
C GLU B 104 -12.96 6.79 -24.87
N PRO B 105 -12.44 6.36 -23.69
CA PRO B 105 -12.62 4.93 -23.38
C PRO B 105 -14.07 4.50 -23.24
N ARG B 106 -14.41 3.43 -23.96
CA ARG B 106 -15.71 2.83 -23.94
C ARG B 106 -15.74 1.50 -23.17
N GLY B 107 -16.79 1.28 -22.39
CA GLY B 107 -17.05 -0.04 -21.80
C GLY B 107 -16.35 -0.23 -20.46
N ALA B 108 -16.73 -1.28 -19.74
CA ALA B 108 -16.05 -1.67 -18.52
C ALA B 108 -14.63 -2.13 -18.89
N TRP B 109 -13.70 -2.09 -17.93
CA TRP B 109 -12.29 -2.44 -18.20
C TRP B 109 -12.11 -3.87 -18.78
N ASN B 110 -13.02 -4.77 -18.44
CA ASN B 110 -12.90 -6.19 -18.82
C ASN B 110 -13.96 -6.63 -19.84
N SER B 111 -14.47 -5.67 -20.62
CA SER B 111 -15.56 -5.92 -21.52
C SER B 111 -15.16 -6.19 -22.95
N GLU B 112 -16.05 -6.90 -23.65
CA GLU B 112 -15.93 -7.06 -25.05
C GLU B 112 -15.87 -5.70 -25.77
N GLU B 113 -16.73 -4.75 -25.36
CA GLU B 113 -16.75 -3.37 -25.91
C GLU B 113 -15.39 -2.71 -25.85
N HIS B 114 -14.70 -2.86 -24.72
CA HIS B 114 -13.37 -2.27 -24.54
C HIS B 114 -12.36 -2.97 -25.50
N ILE B 115 -12.40 -4.30 -25.59
CA ILE B 115 -11.45 -5.04 -26.41
C ILE B 115 -11.69 -4.68 -27.88
N ASP B 116 -12.97 -4.51 -28.25
CA ASP B 116 -13.31 -4.04 -29.63
C ASP B 116 -12.66 -2.69 -29.89
N GLN B 117 -12.87 -1.72 -28.99
CA GLN B 117 -12.26 -0.40 -29.16
C GLN B 117 -10.75 -0.48 -29.35
N ALA B 118 -10.09 -1.20 -28.44
CA ALA B 118 -8.60 -1.33 -28.48
C ALA B 118 -8.09 -1.96 -29.78
N THR B 119 -8.81 -2.98 -30.27
CA THR B 119 -8.42 -3.71 -31.44
C THR B 119 -8.60 -2.82 -32.66
N GLY B 120 -9.68 -2.02 -32.68
CA GLY B 120 -9.85 -1.02 -33.72
C GLY B 120 -8.74 -0.02 -33.79
N ILE B 121 -8.25 0.46 -32.63
CA ILE B 121 -7.06 1.36 -32.61
C ILE B 121 -5.78 0.69 -33.14
N LEU B 122 -5.61 -0.59 -32.82
CA LEU B 122 -4.52 -1.35 -33.42
C LEU B 122 -4.59 -1.36 -34.94
N VAL B 123 -5.77 -1.64 -35.50
CA VAL B 123 -5.95 -1.57 -36.95
C VAL B 123 -5.59 -0.19 -37.51
N ASN B 124 -5.92 0.88 -36.78
CA ASN B 124 -5.59 2.26 -37.22
C ASN B 124 -4.06 2.34 -37.38
N PHE B 125 -3.35 1.80 -36.39
CA PHE B 125 -1.90 1.79 -36.40
C PHE B 125 -1.29 0.92 -37.49
N ILE B 126 -1.92 -0.22 -37.78
CA ILE B 126 -1.50 -1.01 -38.95
C ILE B 126 -1.57 -0.21 -40.25
N GLN B 127 -2.68 0.49 -40.47
CA GLN B 127 -2.85 1.36 -41.65
C GLN B 127 -1.82 2.50 -41.73
N LEU B 128 -1.52 3.13 -40.60
CA LEU B 128 -0.52 4.21 -40.54
C LEU B 128 0.88 3.70 -40.87
N ILE B 129 1.25 2.56 -40.29
CA ILE B 129 2.56 1.94 -40.57
C ILE B 129 2.70 1.45 -42.04
N GLN B 130 1.62 0.90 -42.57
CA GLN B 130 1.52 0.55 -43.99
C GLN B 130 1.77 1.77 -44.90
N LYS B 131 1.24 2.92 -44.52
CA LYS B 131 1.48 4.16 -45.23
C LYS B 131 2.94 4.62 -45.11
N LYS B 132 3.48 4.52 -43.90
CA LYS B 132 4.81 5.02 -43.60
C LYS B 132 5.94 4.18 -44.19
N PHE B 133 5.74 2.86 -44.21
CA PHE B 133 6.77 1.94 -44.64
C PHE B 133 6.19 1.02 -45.73
N PRO B 134 5.94 1.56 -46.94
CA PRO B 134 5.27 0.76 -47.97
C PRO B 134 6.18 -0.35 -48.55
N SER B 135 7.50 -0.26 -48.36
CA SER B 135 8.38 -1.36 -48.78
C SER B 135 8.38 -2.55 -47.85
N TRP B 136 7.88 -2.39 -46.60
CA TRP B 136 7.92 -3.49 -45.60
C TRP B 136 6.95 -4.64 -45.95
N SER B 137 7.28 -5.86 -45.56
CA SER B 137 6.34 -7.00 -45.67
C SER B 137 5.19 -6.76 -44.70
N THR B 138 4.09 -7.46 -44.92
CA THR B 138 2.97 -7.34 -44.04
C THR B 138 3.37 -7.81 -42.62
N GLU B 139 4.32 -8.73 -42.52
CA GLU B 139 4.80 -9.24 -41.24
C GLU B 139 5.58 -8.15 -40.50
N GLN B 140 6.49 -7.46 -41.21
CA GLN B 140 7.22 -6.33 -40.63
C GLN B 140 6.28 -5.17 -40.24
N GLN B 141 5.28 -4.91 -41.10
CA GLN B 141 4.26 -3.85 -40.83
C GLN B 141 3.42 -4.16 -39.56
N LEU B 142 3.02 -5.42 -39.38
CA LEU B 142 2.37 -5.88 -38.14
C LEU B 142 3.19 -5.59 -36.89
N LYS B 143 4.45 -5.95 -36.95
CA LYS B 143 5.40 -5.66 -35.87
C LYS B 143 5.46 -4.18 -35.58
N GLY B 144 5.64 -3.39 -36.64
CA GLY B 144 5.76 -1.92 -36.53
C GLY B 144 4.50 -1.38 -35.93
N ALA B 145 3.36 -1.96 -36.31
CA ALA B 145 2.07 -1.47 -35.84
C ALA B 145 1.87 -1.74 -34.36
N ILE B 146 2.37 -2.90 -33.89
CA ILE B 146 2.31 -3.27 -32.49
C ILE B 146 3.22 -2.30 -31.66
N ALA B 147 4.37 -1.96 -32.21
CA ALA B 147 5.25 -0.99 -31.52
C ALA B 147 4.55 0.38 -31.43
N ALA B 148 3.94 0.79 -32.54
CA ALA B 148 3.17 2.03 -32.63
C ALA B 148 2.00 2.09 -31.66
N TYR B 149 1.33 0.95 -31.44
CA TYR B 149 0.31 0.81 -30.37
C TYR B 149 0.87 1.27 -28.99
N ASN B 150 2.12 0.99 -28.71
CA ASN B 150 2.74 1.42 -27.46
C ASN B 150 3.27 2.87 -27.50
N THR B 151 3.89 3.23 -28.60
CA THR B 151 4.70 4.43 -28.61
C THR B 151 4.31 5.48 -29.70
N GLY B 152 3.38 5.13 -30.59
CA GLY B 152 2.95 6.05 -31.64
C GLY B 152 3.75 5.78 -32.89
N ASP B 153 3.13 5.98 -34.05
CA ASP B 153 3.79 5.72 -35.33
C ASP B 153 4.94 6.70 -35.55
N GLY B 154 4.80 7.92 -35.02
CA GLY B 154 5.87 8.91 -35.04
C GLY B 154 7.20 8.38 -34.53
N ARG B 155 7.14 7.58 -33.46
CA ARG B 155 8.33 7.05 -32.84
C ARG B 155 8.80 5.70 -33.33
N VAL B 156 8.22 5.24 -34.43
CA VAL B 156 8.74 4.08 -35.14
C VAL B 156 9.54 4.60 -36.32
N GLU B 157 10.88 4.51 -36.21
CA GLU B 157 11.76 5.20 -37.18
C GLU B 157 12.25 4.23 -38.22
N SER B 158 12.48 2.98 -37.82
CA SER B 158 13.03 1.99 -38.74
C SER B 158 12.69 0.59 -38.29
N TYR B 159 12.90 -0.38 -39.19
CA TYR B 159 12.70 -1.77 -38.81
C TYR B 159 13.66 -2.26 -37.70
N GLU B 160 14.96 -2.04 -37.88
CA GLU B 160 15.97 -2.55 -36.93
C GLU B 160 15.75 -1.88 -35.56
N SER B 161 15.22 -0.66 -35.58
CA SER B 161 15.03 0.11 -34.36
C SER B 161 13.56 0.19 -33.94
N VAL B 162 12.74 -0.76 -34.38
CA VAL B 162 11.30 -0.72 -34.19
C VAL B 162 10.85 -0.50 -32.73
N ASP B 163 11.54 -1.13 -31.79
CA ASP B 163 11.15 -1.03 -30.39
C ASP B 163 12.01 -0.04 -29.59
N SER B 164 12.90 0.73 -30.24
CA SER B 164 13.88 1.49 -29.45
C SER B 164 13.24 2.56 -28.60
N ARG B 165 12.05 2.95 -28.99
CA ARG B 165 11.29 3.99 -28.35
C ARG B 165 10.09 3.55 -27.50
N THR B 166 9.91 2.24 -27.37
CA THR B 166 8.78 1.72 -26.66
C THR B 166 9.19 1.47 -25.23
N THR B 167 8.19 1.33 -24.36
CA THR B 167 8.38 0.83 -22.98
C THR B 167 9.17 -0.48 -22.96
N GLY B 168 10.14 -0.56 -22.05
CA GLY B 168 11.04 -1.73 -21.97
C GLY B 168 12.00 -1.90 -23.13
N LYS B 169 11.90 -1.01 -24.14
CA LYS B 169 12.65 -1.07 -25.39
C LYS B 169 12.45 -2.40 -26.09
N ASP B 170 11.25 -2.98 -25.95
CA ASP B 170 11.02 -4.36 -26.38
C ASP B 170 9.58 -4.68 -26.71
N TYR B 171 8.71 -3.64 -26.83
CA TYR B 171 7.28 -3.90 -26.81
C TYR B 171 6.79 -4.87 -27.92
N SER B 172 7.11 -4.57 -29.19
CA SER B 172 6.65 -5.45 -30.28
C SER B 172 7.37 -6.81 -30.27
N ASN B 173 8.64 -6.82 -29.91
CA ASN B 173 9.36 -8.09 -29.80
C ASN B 173 8.71 -9.02 -28.76
N ASP B 174 8.42 -8.45 -27.60
CA ASP B 174 7.78 -9.21 -26.51
C ASP B 174 6.39 -9.71 -26.92
N VAL B 175 5.51 -8.77 -27.36
CA VAL B 175 4.13 -9.10 -27.79
C VAL B 175 4.10 -10.17 -28.86
N VAL B 176 4.96 -10.04 -29.86
CA VAL B 176 4.96 -11.04 -30.94
C VAL B 176 5.30 -12.42 -30.33
N ALA B 177 6.30 -12.46 -29.46
CA ALA B 177 6.78 -13.73 -28.81
C ALA B 177 5.64 -14.32 -27.98
N ARG B 178 4.93 -13.47 -27.23
CA ARG B 178 3.80 -13.93 -26.46
C ARG B 178 2.70 -14.44 -27.38
N ALA B 179 2.48 -13.73 -28.48
CA ALA B 179 1.41 -14.17 -29.43
C ALA B 179 1.73 -15.53 -30.03
N GLN B 180 2.98 -15.72 -30.42
CA GLN B 180 3.42 -17.03 -30.94
C GLN B 180 3.14 -18.15 -29.91
N TRP B 181 3.43 -17.88 -28.62
CA TRP B 181 3.01 -18.80 -27.54
C TRP B 181 1.49 -19.10 -27.51
N TYR B 182 0.64 -18.05 -27.47
CA TYR B 182 -0.82 -18.19 -27.44
C TYR B 182 -1.39 -18.99 -28.62
N LYS B 183 -0.75 -18.80 -29.76
CA LYS B 183 -1.11 -19.46 -30.99
C LYS B 183 -0.98 -21.00 -30.92
N LYS B 184 0.03 -21.47 -30.19
CA LYS B 184 0.26 -22.90 -29.90
C LYS B 184 -0.49 -23.38 -28.64
N ASN B 185 -1.15 -22.45 -27.96
CA ASN B 185 -1.87 -22.76 -26.72
C ASN B 185 -3.31 -22.26 -26.67
N GLY B 186 -4.04 -22.51 -27.76
CA GLY B 186 -5.48 -22.30 -27.78
C GLY B 186 -6.05 -21.09 -28.50
N PHE B 187 -5.20 -20.25 -29.10
CA PHE B 187 -5.67 -19.03 -29.75
C PHE B 187 -5.43 -19.04 -31.25
N VAL C 1 2.73 -13.58 26.27
CA VAL C 1 2.41 -13.21 27.69
C VAL C 1 3.59 -13.61 28.53
N GLY C 2 4.60 -14.15 27.83
CA GLY C 2 5.96 -14.33 28.35
C GLY C 2 5.96 -15.21 29.57
N TYR C 3 6.79 -14.91 30.58
CA TYR C 3 7.70 -13.72 30.69
C TYR C 3 7.17 -12.29 30.67
N GLY C 4 5.86 -12.11 30.48
CA GLY C 4 5.28 -10.78 30.58
C GLY C 4 4.56 -10.33 29.34
N ASP C 5 3.57 -9.45 29.54
CA ASP C 5 2.88 -8.81 28.44
C ASP C 5 3.55 -7.46 28.07
N ILE C 6 4.35 -7.46 27.00
CA ILE C 6 5.04 -6.23 26.56
C ILE C 6 4.10 -5.03 26.39
N THR C 7 2.83 -5.24 26.02
CA THR C 7 1.90 -4.09 25.94
C THR C 7 1.56 -3.47 27.28
N GLN C 8 1.85 -4.17 28.39
CA GLN C 8 1.48 -3.66 29.71
C GLN C 8 2.68 -3.20 30.55
N VAL C 9 3.81 -3.02 29.89
CA VAL C 9 5.02 -2.51 30.51
C VAL C 9 4.96 -0.98 30.33
N GLU C 10 5.24 -0.26 31.41
CA GLU C 10 5.26 1.20 31.32
C GLU C 10 6.59 1.68 30.75
N THR C 11 6.51 2.74 29.94
CA THR C 11 7.69 3.29 29.30
C THR C 11 7.60 4.79 29.07
N SER C 12 8.72 5.46 29.25
CA SER C 12 8.90 6.88 28.91
C SER C 12 9.67 7.09 27.59
N GLY C 13 9.88 6.00 26.87
CA GLY C 13 10.64 6.01 25.61
C GLY C 13 12.07 6.51 25.61
N ALA C 14 12.48 7.07 24.46
CA ALA C 14 13.86 7.47 24.24
C ALA C 14 14.14 8.79 24.94
N SER C 15 15.40 8.99 25.32
CA SER C 15 15.89 10.25 25.82
C SER C 15 16.20 11.12 24.62
N SER C 16 16.46 12.39 24.90
CA SER C 16 16.90 13.31 23.86
C SER C 16 18.18 12.79 23.24
N LYS C 17 19.06 12.22 24.07
CA LYS C 17 20.36 11.77 23.59
C LYS C 17 20.19 10.77 22.46
N THR C 18 19.38 9.76 22.64
CA THR C 18 19.22 8.79 21.58
C THR C 18 18.38 9.27 20.42
N SER C 19 17.34 10.06 20.68
CA SER C 19 16.56 10.57 19.54
C SER C 19 17.32 11.53 18.61
N ARG C 20 18.37 12.17 19.10
CA ARG C 20 19.29 12.89 18.18
C ARG C 20 20.01 12.02 17.15
N GLN C 21 19.98 10.70 17.33
CA GLN C 21 20.69 9.80 16.42
C GLN C 21 19.97 9.75 15.09
N ASP C 22 18.67 10.06 15.15
CA ASP C 22 17.89 10.20 13.95
C ASP C 22 17.57 11.66 13.68
N LYS C 23 18.22 12.56 14.43
CA LYS C 23 18.07 13.99 14.28
C LYS C 23 16.64 14.47 14.60
N LEU C 24 15.96 13.78 15.52
CA LEU C 24 14.57 14.15 15.85
C LEU C 24 14.56 15.31 16.82
N GLU C 25 13.55 16.17 16.72
CA GLU C 25 13.44 17.34 17.58
C GLU C 25 12.52 17.09 18.77
N TYR C 26 12.20 15.81 19.02
CA TYR C 26 11.42 15.38 20.16
C TYR C 26 11.98 14.09 20.71
N ASP C 27 11.53 13.75 21.91
CA ASP C 27 12.02 12.57 22.60
C ASP C 27 10.81 11.71 23.00
N GLY C 28 11.03 10.74 23.88
CA GLY C 28 9.95 9.98 24.49
C GLY C 28 9.46 8.85 23.60
N VAL C 29 8.23 8.46 23.82
CA VAL C 29 7.67 7.28 23.16
C VAL C 29 7.49 7.57 21.66
N ARG C 30 7.12 8.83 21.35
CA ARG C 30 7.04 9.29 19.94
C ARG C 30 8.37 9.03 19.21
N ALA C 31 9.49 9.45 19.81
CA ALA C 31 10.81 9.19 19.19
C ALA C 31 11.11 7.73 19.03
N SER C 32 10.91 6.95 20.08
CA SER C 32 11.05 5.47 19.99
C SER C 32 10.26 4.90 18.81
N HIS C 33 8.98 5.30 18.69
CA HIS C 33 8.18 4.77 17.57
C HIS C 33 8.74 5.15 16.19
N THR C 34 9.18 6.39 16.05
CA THR C 34 9.80 6.83 14.77
C THR C 34 11.07 6.03 14.41
N MET C 35 11.90 5.80 15.41
CA MET C 35 13.19 5.09 15.21
C MET C 35 12.94 3.64 14.84
N ALA C 36 11.91 3.03 15.44
CA ALA C 36 11.53 1.67 15.11
C ALA C 36 10.95 1.62 13.69
N GLN C 37 10.05 2.56 13.37
CA GLN C 37 9.46 2.72 12.03
C GLN C 37 10.51 2.77 10.89
N THR C 38 11.55 3.58 11.09
CA THR C 38 12.78 3.71 10.27
C THR C 38 13.40 2.35 10.00
N ASP C 39 13.55 1.54 11.05
CA ASP C 39 14.28 0.25 10.97
C ASP C 39 13.43 -0.92 10.44
N ALA C 40 12.12 -0.71 10.29
CA ALA C 40 11.17 -1.79 9.93
C ALA C 40 11.40 -2.39 8.54
N GLY C 41 11.98 -1.60 7.64
CA GLY C 41 12.25 -2.08 6.29
C GLY C 41 13.32 -3.15 6.31
N ARG C 42 14.47 -2.81 6.87
CA ARG C 42 15.59 -3.74 7.10
C ARG C 42 15.15 -4.93 7.95
N MET C 43 14.27 -4.68 8.91
CA MET C 43 13.77 -5.75 9.78
C MET C 43 13.01 -6.85 9.07
N GLU C 44 12.26 -6.53 8.02
CA GLU C 44 11.48 -7.55 7.27
C GLU C 44 12.32 -8.80 6.94
N LYS C 45 13.56 -8.57 6.52
CA LYS C 45 14.56 -9.59 6.18
C LYS C 45 14.79 -10.63 7.27
N TYR C 46 14.66 -10.21 8.54
CA TYR C 46 14.94 -11.05 9.70
C TYR C 46 13.69 -11.64 10.38
N LYS C 47 12.50 -11.32 9.85
CA LYS C 47 11.23 -11.69 10.47
C LYS C 47 11.07 -13.21 10.71
N SER C 48 11.36 -14.04 9.70
CA SER C 48 11.29 -15.50 9.87
C SER C 48 12.23 -15.97 10.96
N PHE C 49 13.51 -15.53 10.92
CA PHE C 49 14.47 -15.92 11.96
C PHE C 49 13.92 -15.54 13.31
N ILE C 50 13.45 -14.29 13.42
CA ILE C 50 12.91 -13.73 14.67
C ILE C 50 11.75 -14.54 15.23
N ASN C 51 10.81 -14.93 14.37
CA ASN C 51 9.62 -15.68 14.81
C ASN C 51 9.97 -17.06 15.31
N ASN C 52 10.93 -17.69 14.62
CA ASN C 52 11.44 -19.00 14.97
C ASN C 52 12.16 -19.00 16.31
N VAL C 53 13.04 -18.03 16.52
CA VAL C 53 13.73 -17.93 17.81
C VAL C 53 12.78 -17.62 18.96
N ALA C 54 11.87 -16.68 18.68
CA ALA C 54 10.85 -16.29 19.62
C ALA C 54 10.09 -17.50 20.12
N LYS C 55 9.61 -18.36 19.22
CA LYS C 55 8.89 -19.55 19.72
C LYS C 55 9.78 -20.49 20.55
N LYS C 56 11.03 -20.69 20.10
CA LYS C 56 11.99 -21.57 20.80
C LYS C 56 12.22 -21.14 22.26
N HIS C 57 12.37 -19.81 22.47
CA HIS C 57 12.74 -19.27 23.77
C HIS C 57 11.55 -18.76 24.56
N VAL C 58 10.35 -18.86 23.96
CA VAL C 58 9.09 -18.32 24.55
C VAL C 58 9.20 -16.82 24.87
N VAL C 59 9.61 -16.05 23.85
CA VAL C 59 9.85 -14.62 24.03
C VAL C 59 9.11 -13.89 22.89
N ASP C 60 8.49 -12.76 23.20
CA ASP C 60 7.78 -12.00 22.18
C ASP C 60 8.72 -11.53 21.06
N PRO C 61 8.44 -11.94 19.80
CA PRO C 61 9.22 -11.52 18.62
C PRO C 61 9.37 -10.01 18.52
N ALA C 62 8.38 -9.25 18.99
CA ALA C 62 8.44 -7.80 18.97
C ALA C 62 9.59 -7.32 19.84
N VAL C 63 9.79 -7.98 20.96
CA VAL C 63 10.92 -7.61 21.84
C VAL C 63 12.29 -7.86 21.18
N ILE C 64 12.44 -9.01 20.53
CA ILE C 64 13.67 -9.30 19.79
C ILE C 64 13.92 -8.25 18.66
N ALA C 65 12.87 -7.91 17.90
CA ALA C 65 12.98 -6.91 16.82
C ALA C 65 13.45 -5.54 17.38
N ALA C 66 12.87 -5.13 18.51
CA ALA C 66 13.23 -3.87 19.21
C ALA C 66 14.67 -3.80 19.72
N ILE C 67 15.15 -4.89 20.31
CA ILE C 67 16.58 -5.00 20.62
C ILE C 67 17.42 -4.88 19.36
N ILE C 68 17.04 -5.57 18.28
CA ILE C 68 17.77 -5.42 17.00
C ILE C 68 17.75 -3.96 16.47
N SER C 69 16.59 -3.29 16.54
CA SER C 69 16.48 -1.89 16.12
C SER C 69 17.39 -1.02 16.97
N ARG C 70 17.37 -1.23 18.27
CA ARG C 70 18.15 -0.40 19.19
C ARG C 70 19.68 -0.62 19.04
N GLU C 71 20.08 -1.88 18.89
CA GLU C 71 21.51 -2.28 18.92
C GLU C 71 22.25 -2.00 17.62
N SER C 72 21.60 -2.25 16.50
CA SER C 72 22.28 -2.27 15.22
C SER C 72 21.52 -1.50 14.18
N ARG C 73 20.38 -0.95 14.59
CA ARG C 73 19.39 -0.43 13.62
C ARG C 73 19.03 -1.45 12.55
N ALA C 74 19.05 -2.74 12.90
CA ALA C 74 18.81 -3.83 11.91
C ALA C 74 19.85 -3.88 10.74
N GLY C 75 21.13 -3.75 11.10
CA GLY C 75 22.24 -4.08 10.20
C GLY C 75 23.26 -2.97 10.13
N ASN C 76 22.73 -1.74 10.16
CA ASN C 76 23.54 -0.53 10.26
C ASN C 76 24.56 -0.64 11.40
N TYR C 90 34.43 -2.11 22.01
CA TYR C 90 34.71 -3.14 21.00
C TYR C 90 34.26 -4.57 21.41
N ASN C 91 33.34 -4.61 22.38
CA ASN C 91 32.81 -5.85 22.98
C ASN C 91 31.60 -6.50 22.27
N GLY C 92 30.82 -5.70 21.53
CA GLY C 92 29.59 -6.18 20.93
C GLY C 92 29.73 -6.99 19.64
N PHE C 93 28.92 -8.05 19.51
CA PHE C 93 28.88 -8.82 18.27
C PHE C 93 27.49 -8.95 17.65
N GLY C 94 27.35 -8.59 16.38
CA GLY C 94 26.19 -9.02 15.60
C GLY C 94 24.98 -8.08 15.71
N LEU C 95 23.86 -8.50 15.11
CA LEU C 95 22.63 -7.69 15.10
C LEU C 95 22.14 -7.23 16.48
N MET C 96 22.39 -8.09 17.46
CA MET C 96 21.90 -7.85 18.80
C MET C 96 23.01 -7.53 19.77
N GLN C 97 24.23 -7.44 19.24
CA GLN C 97 25.38 -7.00 20.05
C GLN C 97 25.59 -7.82 21.35
N VAL C 98 25.80 -9.11 21.16
CA VAL C 98 26.19 -10.05 22.25
C VAL C 98 27.56 -9.58 22.74
N ASP C 99 27.74 -9.55 24.06
CA ASP C 99 28.97 -9.09 24.69
C ASP C 99 29.93 -10.31 24.68
N LYS C 100 30.94 -10.24 23.83
CA LYS C 100 31.93 -11.30 23.68
C LYS C 100 32.89 -11.42 24.89
N ARG C 101 32.83 -10.51 25.83
CA ARG C 101 33.53 -10.74 27.09
C ARG C 101 32.92 -11.90 27.85
N TYR C 102 31.62 -12.13 27.70
CA TYR C 102 30.91 -13.01 28.62
C TYR C 102 30.30 -14.21 27.94
N HIS C 103 30.31 -14.19 26.60
CA HIS C 103 29.69 -15.26 25.81
C HIS C 103 30.56 -15.51 24.57
N GLU C 104 30.56 -16.75 24.09
CA GLU C 104 31.37 -17.13 22.92
C GLU C 104 30.46 -16.99 21.69
N PRO C 105 30.63 -15.93 20.88
CA PRO C 105 29.71 -15.72 19.74
C PRO C 105 29.60 -16.89 18.73
N ARG C 106 28.36 -17.23 18.38
CA ARG C 106 28.05 -18.25 17.40
C ARG C 106 27.35 -17.64 16.20
N GLY C 107 27.81 -18.00 15.01
CA GLY C 107 27.06 -17.74 13.80
C GLY C 107 27.56 -16.53 13.10
N ALA C 108 27.02 -16.29 11.91
CA ALA C 108 27.29 -15.06 11.20
C ALA C 108 26.57 -13.94 11.97
N TRP C 109 27.03 -12.70 11.79
CA TRP C 109 26.53 -11.52 12.51
C TRP C 109 25.03 -11.32 12.37
N ASN C 110 24.49 -11.77 11.24
CA ASN C 110 23.06 -11.66 10.94
C ASN C 110 22.35 -13.00 10.74
N SER C 111 22.80 -14.02 11.49
CA SER C 111 22.25 -15.38 11.36
C SER C 111 21.14 -15.63 12.36
N GLU C 112 20.28 -16.62 12.06
CA GLU C 112 19.35 -17.16 13.04
C GLU C 112 20.08 -17.59 14.30
N GLU C 113 21.25 -18.23 14.10
CA GLU C 113 22.06 -18.77 15.18
C GLU C 113 22.49 -17.67 16.14
N HIS C 114 22.82 -16.50 15.58
CA HIS C 114 23.19 -15.35 16.42
C HIS C 114 21.98 -14.82 17.21
N ILE C 115 20.85 -14.64 16.52
CA ILE C 115 19.60 -14.19 17.18
C ILE C 115 19.13 -15.13 18.33
N ASP C 116 19.28 -16.43 18.09
CA ASP C 116 18.99 -17.50 19.05
C ASP C 116 19.85 -17.34 20.33
N GLN C 117 21.17 -17.27 20.15
CA GLN C 117 22.08 -17.06 21.27
C GLN C 117 21.75 -15.79 22.07
N ALA C 118 21.50 -14.70 21.36
CA ALA C 118 21.19 -13.41 22.00
C ALA C 118 19.91 -13.44 22.81
N THR C 119 18.87 -14.08 22.28
CA THR C 119 17.59 -14.17 22.93
C THR C 119 17.75 -15.05 24.17
N GLY C 120 18.64 -16.07 24.12
CA GLY C 120 18.81 -16.97 25.27
C GLY C 120 19.50 -16.23 26.40
N ILE C 121 20.39 -15.33 26.01
CA ILE C 121 21.09 -14.46 26.99
C ILE C 121 20.09 -13.50 27.62
N LEU C 122 19.23 -12.92 26.80
CA LEU C 122 18.06 -12.18 27.36
C LEU C 122 17.27 -12.99 28.40
N VAL C 123 16.88 -14.21 28.06
CA VAL C 123 16.22 -15.09 29.01
C VAL C 123 17.03 -15.28 30.32
N ASN C 124 18.34 -15.49 30.23
CA ASN C 124 19.20 -15.48 31.43
C ASN C 124 18.97 -14.23 32.31
N PHE C 125 18.90 -13.05 31.69
CA PHE C 125 18.67 -11.83 32.49
C PHE C 125 17.24 -11.73 33.03
N ILE C 126 16.25 -12.26 32.32
CA ILE C 126 14.89 -12.31 32.89
C ILE C 126 14.95 -13.17 34.20
N GLN C 127 15.70 -14.26 34.19
CA GLN C 127 15.75 -15.17 35.36
C GLN C 127 16.47 -14.48 36.52
N LEU C 128 17.56 -13.77 36.19
CA LEU C 128 18.33 -13.06 37.22
C LEU C 128 17.52 -11.96 37.90
N ILE C 129 16.87 -11.11 37.11
CA ILE C 129 16.02 -10.03 37.61
C ILE C 129 14.81 -10.54 38.41
N GLN C 130 14.17 -11.60 37.95
CA GLN C 130 13.05 -12.18 38.70
C GLN C 130 13.48 -12.57 40.13
N LYS C 131 14.70 -13.07 40.27
CA LYS C 131 15.27 -13.40 41.55
C LYS C 131 15.73 -12.20 42.36
N LYS C 132 16.28 -11.20 41.68
CA LYS C 132 16.82 -10.03 42.37
C LYS C 132 15.62 -9.19 42.85
N PHE C 133 14.56 -9.17 42.07
CA PHE C 133 13.35 -8.33 42.40
C PHE C 133 12.06 -9.12 42.50
N PRO C 134 11.93 -10.00 43.53
CA PRO C 134 10.84 -10.94 43.58
C PRO C 134 9.48 -10.28 43.86
N SER C 135 9.46 -9.03 44.34
CA SER C 135 8.19 -8.34 44.58
C SER C 135 7.60 -7.66 43.34
N TRP C 136 8.41 -7.53 42.27
CA TRP C 136 8.00 -6.86 41.04
C TRP C 136 7.02 -7.75 40.26
N SER C 137 6.14 -7.12 39.47
CA SER C 137 5.31 -7.84 38.50
C SER C 137 6.16 -8.45 37.39
N THR C 138 5.56 -9.38 36.64
CA THR C 138 6.20 -10.02 35.51
C THR C 138 6.57 -8.96 34.45
N GLU C 139 5.68 -7.98 34.22
CA GLU C 139 5.97 -6.88 33.29
C GLU C 139 7.11 -6.01 33.75
N GLN C 140 7.17 -5.71 35.05
CA GLN C 140 8.25 -4.87 35.59
C GLN C 140 9.62 -5.60 35.45
N GLN C 141 9.56 -6.91 35.68
CA GLN C 141 10.75 -7.77 35.59
C GLN C 141 11.27 -7.84 34.16
N LEU C 142 10.36 -7.83 33.17
CA LEU C 142 10.75 -7.87 31.75
C LEU C 142 11.48 -6.60 31.40
N LYS C 143 10.95 -5.49 31.85
CA LYS C 143 11.69 -4.20 31.69
C LYS C 143 13.09 -4.23 32.32
N GLY C 144 13.17 -4.72 33.57
CA GLY C 144 14.45 -4.76 34.25
C GLY C 144 15.45 -5.66 33.53
N ALA C 145 14.93 -6.70 32.87
CA ALA C 145 15.76 -7.67 32.22
C ALA C 145 16.31 -7.06 30.91
N ILE C 146 15.47 -6.30 30.19
CA ILE C 146 15.90 -5.61 28.98
C ILE C 146 17.03 -4.62 29.33
N ALA C 147 16.88 -3.87 30.43
CA ALA C 147 17.96 -3.02 30.93
C ALA C 147 19.21 -3.82 31.23
N ALA C 148 19.05 -4.97 31.90
CA ALA C 148 20.19 -5.79 32.26
C ALA C 148 20.91 -6.31 31.01
N TYR C 149 20.17 -6.56 29.92
CA TYR C 149 20.76 -6.94 28.64
C TYR C 149 21.82 -5.92 28.17
N ASN C 150 21.60 -4.64 28.44
CA ASN C 150 22.55 -3.59 28.12
C ASN C 150 23.65 -3.48 29.18
N THR C 151 23.25 -3.41 30.44
CA THR C 151 24.21 -2.95 31.47
C THR C 151 24.58 -4.00 32.53
N GLY C 152 23.89 -5.15 32.47
CA GLY C 152 24.04 -6.24 33.47
C GLY C 152 23.14 -6.03 34.68
N ASP C 153 22.75 -7.15 35.28
CA ASP C 153 21.76 -7.13 36.37
C ASP C 153 22.36 -6.39 37.58
N GLY C 154 23.68 -6.47 37.72
CA GLY C 154 24.37 -5.78 38.83
C GLY C 154 24.13 -4.27 38.82
N ARG C 155 23.94 -3.71 37.62
CA ARG C 155 23.72 -2.26 37.45
C ARG C 155 22.24 -1.84 37.33
N VAL C 156 21.31 -2.75 37.61
CA VAL C 156 19.89 -2.41 37.66
C VAL C 156 19.52 -2.48 39.12
N GLU C 157 19.26 -1.32 39.74
CA GLU C 157 19.23 -1.20 41.21
C GLU C 157 17.83 -0.95 41.84
N SER C 158 16.91 -0.44 41.03
CA SER C 158 15.55 -0.21 41.46
C SER C 158 14.72 -0.10 40.20
N TYR C 159 13.40 -0.11 40.35
CA TYR C 159 12.48 0.00 39.21
C TYR C 159 12.40 1.42 38.69
N GLU C 160 12.18 2.33 39.63
CA GLU C 160 12.15 3.75 39.31
C GLU C 160 13.38 4.24 38.57
N SER C 161 14.51 3.60 38.82
CA SER C 161 15.81 4.00 38.29
C SER C 161 16.38 2.96 37.32
N VAL C 162 15.48 2.13 36.77
CA VAL C 162 15.85 0.97 35.96
C VAL C 162 16.88 1.21 34.85
N ASP C 163 16.75 2.34 34.13
CA ASP C 163 17.69 2.75 33.06
C ASP C 163 18.83 3.70 33.47
N SER C 164 18.97 3.99 34.77
CA SER C 164 19.88 5.08 35.16
C SER C 164 21.36 4.83 34.85
N ARG C 165 21.72 3.55 34.69
CA ARG C 165 23.09 3.15 34.38
C ARG C 165 23.15 2.45 33.01
N THR C 166 22.16 2.72 32.17
CA THR C 166 22.20 2.17 30.83
C THR C 166 22.65 3.21 29.81
N THR C 167 23.13 2.74 28.65
CA THR C 167 23.47 3.59 27.48
C THR C 167 22.27 4.48 27.22
N GLY C 168 22.50 5.80 27.11
CA GLY C 168 21.45 6.76 26.78
C GLY C 168 20.61 7.10 27.99
N LYS C 169 20.84 6.39 29.10
CA LYS C 169 20.01 6.43 30.29
C LYS C 169 18.55 6.13 29.98
N ASP C 170 18.36 5.26 28.99
CA ASP C 170 17.00 5.06 28.46
C ASP C 170 16.84 3.69 27.82
N TYR C 171 17.77 2.77 28.07
CA TYR C 171 17.75 1.52 27.26
C TYR C 171 16.42 0.75 27.30
N SER C 172 15.95 0.36 28.49
CA SER C 172 14.71 -0.47 28.48
C SER C 172 13.50 0.40 28.15
N ASN C 173 13.49 1.65 28.55
CA ASN C 173 12.33 2.52 28.15
C ASN C 173 12.19 2.60 26.63
N ASP C 174 13.31 2.90 25.95
CA ASP C 174 13.35 3.02 24.48
C ASP C 174 12.95 1.68 23.81
N VAL C 175 13.62 0.59 24.18
CA VAL C 175 13.37 -0.75 23.65
C VAL C 175 11.89 -1.18 23.79
N VAL C 176 11.33 -0.94 24.96
CA VAL C 176 9.94 -1.35 25.25
C VAL C 176 8.99 -0.57 24.31
N ALA C 177 9.28 0.70 24.14
CA ALA C 177 8.43 1.54 23.27
C ALA C 177 8.58 1.10 21.82
N ARG C 178 9.82 0.78 21.40
CA ARG C 178 10.00 0.24 20.06
C ARG C 178 9.27 -1.06 19.91
N ALA C 179 9.28 -1.89 20.96
CA ALA C 179 8.66 -3.21 20.88
C ALA C 179 7.14 -3.10 20.77
N GLN C 180 6.55 -2.16 21.50
CA GLN C 180 5.11 -1.91 21.40
C GLN C 180 4.75 -1.40 19.99
N TRP C 181 5.64 -0.64 19.37
CA TRP C 181 5.40 -0.24 17.95
C TRP C 181 5.45 -1.45 17.01
N TYR C 182 6.46 -2.31 17.20
CA TYR C 182 6.61 -3.46 16.33
C TYR C 182 5.43 -4.42 16.46
N LYS C 183 4.97 -4.53 17.71
CA LYS C 183 3.84 -5.37 18.08
C LYS C 183 2.64 -4.98 17.25
N LYS C 184 2.48 -3.68 17.03
CA LYS C 184 1.37 -3.22 16.19
C LYS C 184 1.68 -3.03 14.69
N ASN C 185 2.82 -3.53 14.22
CA ASN C 185 3.22 -3.38 12.81
C ASN C 185 3.86 -4.59 12.13
N GLY C 186 3.36 -5.79 12.42
CA GLY C 186 3.87 -7.00 11.77
C GLY C 186 4.68 -7.95 12.62
N PHE C 187 4.91 -7.58 13.88
CA PHE C 187 5.56 -8.49 14.86
C PHE C 187 4.63 -8.87 16.00
N GLY D 2 -8.12 33.53 7.97
CA GLY D 2 -8.58 33.83 6.60
C GLY D 2 -9.64 32.85 6.18
N TYR D 3 -9.23 31.73 5.56
CA TYR D 3 -7.82 31.40 5.31
C TYR D 3 -7.33 31.85 3.94
N GLY D 4 -8.19 32.52 3.17
CA GLY D 4 -7.84 33.02 1.83
C GLY D 4 -8.62 32.33 0.74
N ASP D 5 -8.67 32.96 -0.43
CA ASP D 5 -9.31 32.39 -1.62
C ASP D 5 -8.22 31.97 -2.59
N ILE D 6 -7.97 30.66 -2.67
CA ILE D 6 -6.92 30.11 -3.50
C ILE D 6 -6.94 30.64 -4.94
N THR D 7 -8.13 30.93 -5.46
CA THR D 7 -8.27 31.36 -6.86
C THR D 7 -7.82 32.79 -7.06
N GLN D 8 -7.60 33.51 -5.97
CA GLN D 8 -7.13 34.90 -6.05
C GLN D 8 -5.69 35.10 -5.57
N VAL D 9 -4.99 34.00 -5.27
CA VAL D 9 -3.53 34.05 -4.98
C VAL D 9 -2.71 34.19 -6.27
N GLU D 10 -1.73 35.10 -6.24
CA GLU D 10 -0.84 35.37 -7.37
C GLU D 10 0.23 34.30 -7.46
N THR D 11 0.47 33.80 -8.68
CA THR D 11 1.45 32.73 -8.85
C THR D 11 2.22 32.82 -10.18
N SER D 12 3.49 32.47 -10.10
CA SER D 12 4.34 32.32 -11.25
C SER D 12 4.62 30.84 -11.56
N GLY D 13 3.93 29.93 -10.87
CA GLY D 13 4.07 28.49 -11.13
C GLY D 13 5.47 27.89 -10.91
N ALA D 14 5.70 26.74 -11.55
CA ALA D 14 6.93 25.93 -11.40
C ALA D 14 8.19 26.58 -12.00
N SER D 15 9.32 26.46 -11.30
CA SER D 15 10.64 26.74 -11.89
C SER D 15 11.02 25.71 -12.98
N SER D 16 11.97 26.08 -13.86
CA SER D 16 12.50 25.13 -14.84
C SER D 16 13.03 23.92 -14.11
N LYS D 17 13.71 24.12 -12.97
CA LYS D 17 14.24 22.94 -12.25
C LYS D 17 13.14 21.94 -11.93
N THR D 18 12.04 22.38 -11.31
CA THR D 18 10.95 21.40 -11.04
C THR D 18 10.23 20.91 -12.27
N SER D 19 10.02 21.77 -13.27
CA SER D 19 9.25 21.28 -14.42
C SER D 19 10.02 20.18 -15.18
N ARG D 20 11.34 20.24 -15.05
CA ARG D 20 12.27 19.23 -15.60
C ARG D 20 11.98 17.79 -15.12
N GLN D 21 11.32 17.63 -13.97
CA GLN D 21 10.89 16.33 -13.44
C GLN D 21 9.90 15.59 -14.34
N ASP D 22 9.06 16.32 -15.06
CA ASP D 22 8.15 15.70 -15.99
C ASP D 22 8.66 15.86 -17.42
N LYS D 23 9.96 16.16 -17.51
CA LYS D 23 10.65 16.31 -18.79
C LYS D 23 9.91 17.34 -19.63
N LEU D 24 9.53 18.45 -19.01
CA LEU D 24 8.83 19.51 -19.70
C LEU D 24 9.81 20.52 -20.27
N GLU D 25 9.54 20.94 -21.51
CA GLU D 25 10.32 21.99 -22.17
C GLU D 25 9.83 23.43 -21.89
N TYR D 26 8.94 23.60 -20.93
CA TYR D 26 8.46 24.92 -20.50
C TYR D 26 8.29 24.90 -18.98
N ASP D 27 8.12 26.08 -18.38
CA ASP D 27 7.92 26.16 -16.94
C ASP D 27 6.68 27.00 -16.60
N GLY D 28 6.64 27.51 -15.38
CA GLY D 28 5.62 28.48 -15.03
C GLY D 28 4.31 27.81 -14.71
N VAL D 29 3.23 28.58 -14.79
CA VAL D 29 1.89 28.08 -14.47
C VAL D 29 1.45 26.97 -15.42
N ARG D 30 1.82 27.08 -16.70
CA ARG D 30 1.47 25.99 -17.66
C ARG D 30 2.08 24.65 -17.21
N ALA D 31 3.30 24.72 -16.67
CA ALA D 31 3.98 23.49 -16.22
C ALA D 31 3.30 22.95 -14.94
N SER D 32 2.95 23.84 -14.01
CA SER D 32 2.23 23.42 -12.79
C SER D 32 0.92 22.75 -13.19
N HIS D 33 0.24 23.33 -14.17
CA HIS D 33 -1.06 22.74 -14.60
C HIS D 33 -0.88 21.36 -15.21
N THR D 34 0.18 21.20 -15.99
CA THR D 34 0.47 19.92 -16.64
C THR D 34 0.77 18.87 -15.59
N MET D 35 1.60 19.22 -14.62
CA MET D 35 1.93 18.21 -13.57
C MET D 35 0.72 17.84 -12.73
N ALA D 36 -0.11 18.82 -12.42
CA ALA D 36 -1.32 18.56 -11.68
C ALA D 36 -2.24 17.64 -12.50
N GLN D 37 -2.40 17.93 -13.81
CA GLN D 37 -3.20 17.07 -14.67
C GLN D 37 -2.69 15.63 -14.67
N THR D 38 -1.38 15.47 -14.81
CA THR D 38 -0.70 14.18 -14.78
C THR D 38 -1.09 13.36 -13.55
N ASP D 39 -1.25 14.04 -12.41
CA ASP D 39 -1.58 13.38 -11.11
C ASP D 39 -3.09 13.23 -10.86
N ALA D 40 -3.93 13.78 -11.75
CA ALA D 40 -5.38 13.89 -11.42
C ALA D 40 -6.13 12.53 -11.37
N GLY D 41 -5.69 11.55 -12.17
CA GLY D 41 -6.42 10.27 -12.20
C GLY D 41 -6.11 9.57 -10.87
N ARG D 42 -4.82 9.61 -10.47
CA ARG D 42 -4.36 8.99 -9.24
C ARG D 42 -4.93 9.69 -8.00
N MET D 43 -5.19 11.00 -8.14
CA MET D 43 -5.72 11.81 -7.04
C MET D 43 -7.19 11.47 -6.74
N GLU D 44 -7.90 10.97 -7.76
CA GLU D 44 -9.35 10.73 -7.62
C GLU D 44 -9.73 9.88 -6.39
N LYS D 45 -8.93 8.86 -6.13
CA LYS D 45 -9.28 7.92 -5.10
C LYS D 45 -9.12 8.54 -3.70
N TYR D 46 -8.34 9.62 -3.59
CA TYR D 46 -8.20 10.33 -2.32
C TYR D 46 -9.26 11.40 -2.09
N LYS D 47 -10.12 11.66 -3.10
CA LYS D 47 -11.03 12.80 -3.02
C LYS D 47 -11.92 12.82 -1.76
N SER D 48 -12.49 11.68 -1.38
CA SER D 48 -13.34 11.64 -0.16
C SER D 48 -12.53 11.96 1.12
N PHE D 49 -11.35 11.35 1.25
CA PHE D 49 -10.40 11.70 2.35
C PHE D 49 -10.08 13.19 2.38
N ILE D 50 -9.68 13.71 1.22
CA ILE D 50 -9.36 15.13 1.03
C ILE D 50 -10.54 15.98 1.41
N ASN D 51 -11.74 15.61 0.96
CA ASN D 51 -12.94 16.39 1.28
C ASN D 51 -13.26 16.42 2.77
N ASN D 52 -13.11 15.27 3.43
CA ASN D 52 -13.36 15.13 4.87
C ASN D 52 -12.44 16.03 5.71
N VAL D 53 -11.15 15.95 5.42
CA VAL D 53 -10.13 16.77 6.13
C VAL D 53 -10.29 18.25 5.82
N ALA D 54 -10.58 18.60 4.55
CA ALA D 54 -10.86 19.97 4.15
C ALA D 54 -11.98 20.60 5.02
N LYS D 55 -13.13 19.92 5.10
CA LYS D 55 -14.28 20.36 5.91
C LYS D 55 -13.89 20.52 7.40
N LYS D 56 -13.17 19.54 7.94
CA LYS D 56 -12.66 19.61 9.31
C LYS D 56 -11.82 20.87 9.59
N HIS D 57 -10.81 21.15 8.77
CA HIS D 57 -9.91 22.27 9.04
C HIS D 57 -10.32 23.60 8.39
N VAL D 58 -11.34 23.54 7.53
CA VAL D 58 -11.77 24.75 6.76
C VAL D 58 -10.63 25.20 5.80
N VAL D 59 -10.02 24.20 5.17
CA VAL D 59 -8.93 24.43 4.18
C VAL D 59 -9.56 24.03 2.85
N ASP D 60 -9.20 24.69 1.77
CA ASP D 60 -9.73 24.32 0.47
C ASP D 60 -9.20 22.93 0.07
N PRO D 61 -10.10 22.02 -0.37
CA PRO D 61 -9.63 20.74 -0.82
C PRO D 61 -8.67 20.80 -2.02
N ALA D 62 -8.76 21.83 -2.87
CA ALA D 62 -7.82 21.99 -3.98
C ALA D 62 -6.38 22.29 -3.49
N VAL D 63 -6.27 23.05 -2.42
CA VAL D 63 -4.94 23.21 -1.78
C VAL D 63 -4.35 21.90 -1.22
N ILE D 64 -5.17 21.08 -0.56
CA ILE D 64 -4.70 19.75 -0.09
C ILE D 64 -4.26 18.88 -1.29
N ALA D 65 -5.11 18.85 -2.32
CA ALA D 65 -4.74 18.08 -3.53
C ALA D 65 -3.44 18.59 -4.11
N ALA D 66 -3.29 19.91 -4.17
CA ALA D 66 -2.06 20.47 -4.76
C ALA D 66 -0.81 20.04 -4.01
N ILE D 67 -0.86 20.12 -2.68
CA ILE D 67 0.21 19.58 -1.83
C ILE D 67 0.49 18.08 -2.05
N ILE D 68 -0.54 17.24 -2.09
CA ILE D 68 -0.33 15.81 -2.43
C ILE D 68 0.40 15.63 -3.78
N SER D 69 -0.02 16.40 -4.77
CA SER D 69 0.66 16.37 -6.08
C SER D 69 2.14 16.75 -6.00
N ARG D 70 2.40 17.90 -5.36
CA ARG D 70 3.76 18.41 -5.29
C ARG D 70 4.62 17.44 -4.48
N GLU D 71 4.09 17.01 -3.34
CA GLU D 71 4.96 16.28 -2.40
C GLU D 71 5.32 14.86 -2.85
N SER D 72 4.38 14.16 -3.45
CA SER D 72 4.55 12.74 -3.72
C SER D 72 3.97 12.28 -5.07
N ARG D 73 3.53 13.20 -5.93
CA ARG D 73 2.84 12.86 -7.19
C ARG D 73 1.65 11.94 -6.90
N ALA D 74 0.86 12.31 -5.87
CA ALA D 74 -0.31 11.50 -5.46
C ALA D 74 0.08 10.02 -5.13
N GLY D 75 1.23 9.86 -4.50
CA GLY D 75 1.73 8.59 -4.03
C GLY D 75 2.63 7.87 -5.00
N ASN D 76 2.62 8.30 -6.25
CA ASN D 76 3.38 7.59 -7.28
C ASN D 76 4.88 7.46 -7.05
N VAL D 77 5.52 8.40 -6.36
CA VAL D 77 6.94 8.21 -6.10
C VAL D 77 7.27 7.58 -4.72
N ILE D 78 6.26 7.25 -3.93
CA ILE D 78 6.51 6.71 -2.56
C ILE D 78 5.84 5.37 -2.31
N PHE D 79 4.88 4.98 -3.17
CA PHE D 79 4.08 3.77 -2.92
C PHE D 79 4.89 2.50 -2.85
N ASN D 80 6.04 2.57 -3.52
CA ASN D 80 6.94 1.46 -3.78
C ASN D 80 8.21 1.44 -2.95
N THR D 81 8.33 2.30 -1.95
CA THR D 81 9.52 2.26 -1.06
C THR D 81 9.36 1.16 -0.02
N THR D 82 10.44 0.88 0.71
CA THR D 82 10.43 -0.12 1.77
C THR D 82 10.99 0.53 3.03
N PRO D 83 10.16 0.67 4.07
CA PRO D 83 8.70 0.47 4.10
C PRO D 83 8.02 1.54 3.22
N PRO D 84 6.78 1.28 2.75
CA PRO D 84 6.05 2.19 1.80
C PRO D 84 5.79 3.57 2.36
N GLY D 85 5.87 4.59 1.49
CA GLY D 85 5.35 5.92 1.78
C GLY D 85 6.41 6.94 2.20
N TRP D 86 7.68 6.64 1.96
CA TRP D 86 8.77 7.49 2.45
C TRP D 86 9.53 8.22 1.34
N GLY D 87 9.95 9.45 1.59
CA GLY D 87 10.73 10.22 0.60
C GLY D 87 11.78 10.96 1.39
N ASP D 88 12.62 11.70 0.69
CA ASP D 88 13.71 12.49 1.30
C ASP D 88 14.62 11.60 2.18
N ASN D 89 15.10 10.48 1.65
CA ASN D 89 15.91 9.58 2.46
C ASN D 89 15.24 9.21 3.81
N TYR D 90 13.97 8.77 3.74
CA TYR D 90 13.22 8.31 4.93
C TYR D 90 13.07 9.41 5.95
N ASN D 91 12.94 10.65 5.47
CA ASN D 91 12.61 11.76 6.38
C ASN D 91 11.17 12.22 6.22
N GLY D 92 10.60 12.13 5.01
CA GLY D 92 9.20 12.61 4.80
C GLY D 92 8.27 11.44 4.63
N PHE D 93 7.11 11.49 5.32
CA PHE D 93 6.24 10.31 5.35
C PHE D 93 4.91 10.62 4.77
N GLY D 94 4.41 9.77 3.88
CA GLY D 94 3.00 9.97 3.47
C GLY D 94 2.77 10.77 2.19
N LEU D 95 1.52 10.72 1.70
CA LEU D 95 1.13 11.52 0.53
C LEU D 95 1.60 12.99 0.59
N MET D 96 1.60 13.54 1.79
CA MET D 96 1.93 14.95 2.00
C MET D 96 3.27 15.18 2.63
N GLN D 97 4.00 14.08 2.82
CA GLN D 97 5.41 14.16 3.22
C GLN D 97 5.64 14.95 4.50
N VAL D 98 5.05 14.47 5.58
CA VAL D 98 5.31 14.98 6.94
C VAL D 98 6.74 14.70 7.36
N ASP D 99 7.43 15.74 7.86
CA ASP D 99 8.82 15.57 8.27
C ASP D 99 8.91 14.95 9.68
N LYS D 100 9.54 13.75 9.77
CA LYS D 100 9.62 12.93 11.00
C LYS D 100 10.49 13.59 12.04
N ARG D 101 11.32 14.53 11.60
CA ARG D 101 12.21 15.21 12.55
C ARG D 101 11.46 16.19 13.45
N TYR D 102 10.25 16.59 13.03
CA TYR D 102 9.44 17.59 13.74
C TYR D 102 8.11 17.10 14.28
N HIS D 103 7.60 16.02 13.68
CA HIS D 103 6.35 15.38 14.08
C HIS D 103 6.50 13.86 13.88
N GLU D 104 6.00 13.08 14.81
CA GLU D 104 5.94 11.65 14.62
C GLU D 104 4.88 11.43 13.57
N PRO D 105 5.24 10.75 12.48
CA PRO D 105 4.28 10.47 11.40
C PRO D 105 3.20 9.45 11.78
N ARG D 106 1.94 9.83 11.62
CA ARG D 106 0.81 9.04 12.05
C ARG D 106 0.05 8.46 10.88
N GLY D 107 -0.61 7.34 11.16
CA GLY D 107 -1.54 6.79 10.24
C GLY D 107 -0.76 6.01 9.18
N ALA D 108 -1.49 5.31 8.33
CA ALA D 108 -0.96 4.70 7.15
C ALA D 108 -0.50 5.81 6.20
N TRP D 109 0.52 5.53 5.39
CA TRP D 109 1.06 6.55 4.44
C TRP D 109 0.02 7.17 3.50
N ASN D 110 -1.03 6.40 3.15
CA ASN D 110 -2.00 6.85 2.16
C ASN D 110 -3.38 7.02 2.88
N SER D 111 -3.31 7.24 4.19
CA SER D 111 -4.51 7.39 5.06
C SER D 111 -5.17 8.76 5.23
N GLU D 112 -6.47 8.75 5.56
CA GLU D 112 -7.13 9.98 6.05
C GLU D 112 -6.37 10.61 7.23
N GLU D 113 -5.88 9.77 8.14
CA GLU D 113 -5.23 10.27 9.38
C GLU D 113 -3.94 11.04 9.05
N HIS D 114 -3.18 10.52 8.07
CA HIS D 114 -1.99 11.20 7.57
C HIS D 114 -2.37 12.53 6.94
N ILE D 115 -3.38 12.53 6.07
CA ILE D 115 -3.79 13.79 5.41
C ILE D 115 -4.29 14.81 6.41
N ASP D 116 -4.97 14.29 7.44
CA ASP D 116 -5.46 15.10 8.54
C ASP D 116 -4.26 15.81 9.24
N GLN D 117 -3.28 15.01 9.63
CA GLN D 117 -2.07 15.53 10.36
C GLN D 117 -1.36 16.60 9.55
N ALA D 118 -1.14 16.31 8.26
CA ALA D 118 -0.41 17.23 7.37
C ALA D 118 -1.18 18.53 7.16
N THR D 119 -2.50 18.42 7.02
CA THR D 119 -3.35 19.64 6.87
C THR D 119 -3.37 20.47 8.19
N GLY D 120 -3.42 19.79 9.34
CA GLY D 120 -3.31 20.45 10.64
C GLY D 120 -1.99 21.21 10.78
N ILE D 121 -0.91 20.62 10.28
CA ILE D 121 0.39 21.30 10.24
C ILE D 121 0.33 22.57 9.33
N LEU D 122 -0.30 22.45 8.17
CA LEU D 122 -0.52 23.62 7.30
C LEU D 122 -1.38 24.67 7.98
N VAL D 123 -2.39 24.20 8.74
CA VAL D 123 -3.30 25.17 9.41
C VAL D 123 -2.53 25.96 10.45
N ASN D 124 -1.66 25.30 11.21
CA ASN D 124 -0.75 26.00 12.16
C ASN D 124 0.12 27.03 11.47
N PHE D 125 0.61 26.71 10.28
CA PHE D 125 1.37 27.69 9.53
C PHE D 125 0.55 28.84 8.99
N ILE D 126 -0.68 28.58 8.55
CA ILE D 126 -1.60 29.70 8.25
C ILE D 126 -1.74 30.69 9.39
N GLN D 127 -2.00 30.16 10.60
CA GLN D 127 -2.15 30.98 11.80
C GLN D 127 -0.85 31.77 12.09
N LEU D 128 0.29 31.05 12.06
CA LEU D 128 1.59 31.72 12.22
C LEU D 128 1.88 32.83 11.23
N ILE D 129 1.66 32.56 9.94
CA ILE D 129 1.92 33.56 8.93
C ILE D 129 0.96 34.76 9.03
N GLN D 130 -0.31 34.51 9.36
CA GLN D 130 -1.24 35.62 9.54
C GLN D 130 -0.87 36.55 10.71
N LYS D 131 -0.38 35.95 11.80
CA LYS D 131 0.17 36.70 12.93
C LYS D 131 1.49 37.44 12.60
N LYS D 132 2.41 36.77 11.89
CA LYS D 132 3.67 37.37 11.55
C LYS D 132 3.53 38.50 10.54
N PHE D 133 2.63 38.32 9.54
CA PHE D 133 2.46 39.26 8.45
C PHE D 133 1.08 39.91 8.44
N PRO D 134 0.73 40.69 9.50
CA PRO D 134 -0.66 41.23 9.56
C PRO D 134 -1.07 42.24 8.50
N SER D 135 -0.14 42.72 7.67
CA SER D 135 -0.51 43.71 6.66
C SER D 135 -0.78 43.09 5.28
N TRP D 136 -0.34 41.85 5.11
CA TRP D 136 -0.51 41.11 3.86
C TRP D 136 -1.99 40.87 3.60
N SER D 137 -2.37 40.80 2.32
CA SER D 137 -3.70 40.28 2.00
C SER D 137 -3.84 38.83 2.50
N THR D 138 -5.09 38.43 2.66
CA THR D 138 -5.41 37.07 3.09
C THR D 138 -4.86 36.04 2.07
N GLU D 139 -4.93 36.39 0.80
CA GLU D 139 -4.38 35.54 -0.25
C GLU D 139 -2.84 35.52 -0.16
N GLN D 140 -2.21 36.67 0.06
CA GLN D 140 -0.77 36.68 0.30
C GLN D 140 -0.36 35.77 1.49
N GLN D 141 -1.10 35.87 2.58
CA GLN D 141 -0.85 35.01 3.78
C GLN D 141 -0.99 33.51 3.48
N LEU D 142 -2.00 33.14 2.69
CA LEU D 142 -2.13 31.74 2.29
C LEU D 142 -0.92 31.21 1.49
N LYS D 143 -0.46 32.01 0.53
CA LYS D 143 0.78 31.70 -0.22
C LYS D 143 1.96 31.53 0.75
N GLY D 144 2.10 32.45 1.69
CA GLY D 144 3.20 32.36 2.67
C GLY D 144 3.11 31.13 3.55
N ALA D 145 1.91 30.75 4.00
CA ALA D 145 1.75 29.53 4.81
C ALA D 145 2.07 28.25 4.02
N ILE D 146 1.76 28.23 2.72
CA ILE D 146 2.11 27.08 1.89
C ILE D 146 3.63 27.03 1.72
N ALA D 147 4.27 28.18 1.52
CA ALA D 147 5.76 28.22 1.53
C ALA D 147 6.29 27.69 2.88
N ALA D 148 5.72 28.16 3.96
CA ALA D 148 6.14 27.73 5.31
C ALA D 148 5.93 26.25 5.58
N TYR D 149 4.92 25.65 4.93
CA TYR D 149 4.81 24.19 4.99
C TYR D 149 6.11 23.50 4.50
N ASN D 150 6.70 24.00 3.42
CA ASN D 150 8.01 23.48 2.93
C ASN D 150 9.21 23.92 3.78
N THR D 151 9.24 25.17 4.19
CA THR D 151 10.53 25.69 4.72
C THR D 151 10.53 26.23 6.16
N GLY D 152 9.35 26.33 6.77
CA GLY D 152 9.20 26.87 8.14
C GLY D 152 8.87 28.34 8.02
N ASP D 153 8.04 28.85 8.94
CA ASP D 153 7.68 30.27 8.92
C ASP D 153 8.92 31.15 9.13
N GLY D 154 9.95 30.61 9.77
CA GLY D 154 11.18 31.36 10.07
C GLY D 154 11.95 31.71 8.81
N ARG D 155 11.64 31.00 7.74
CA ARG D 155 12.38 31.20 6.50
C ARG D 155 11.48 31.80 5.37
N VAL D 156 10.32 32.31 5.78
CA VAL D 156 9.46 33.06 4.87
C VAL D 156 9.67 34.53 5.21
N GLU D 157 10.39 35.28 4.37
CA GLU D 157 10.91 36.57 4.83
C GLU D 157 10.19 37.76 4.28
N SER D 158 9.61 37.62 3.09
CA SER D 158 8.91 38.69 2.41
C SER D 158 7.96 38.07 1.40
N TYR D 159 6.96 38.84 0.95
CA TYR D 159 6.01 38.35 -0.05
C TYR D 159 6.73 38.16 -1.40
N GLU D 160 7.54 39.15 -1.74
CA GLU D 160 8.30 39.19 -3.01
C GLU D 160 9.29 38.02 -3.12
N SER D 161 9.84 37.59 -1.98
CA SER D 161 10.81 36.51 -1.94
C SER D 161 10.28 35.28 -1.19
N VAL D 162 8.95 35.10 -1.24
CA VAL D 162 8.20 34.07 -0.52
C VAL D 162 8.79 32.64 -0.73
N ASP D 163 9.19 32.33 -1.95
CA ASP D 163 9.76 30.99 -2.28
C ASP D 163 11.28 30.87 -2.26
N SER D 164 11.97 31.96 -1.90
CA SER D 164 13.41 32.00 -2.13
C SER D 164 14.19 31.00 -1.26
N ARG D 165 13.63 30.60 -0.10
CA ARG D 165 14.23 29.57 0.74
C ARG D 165 13.48 28.25 0.72
N THR D 166 12.67 28.02 -0.33
CA THR D 166 11.95 26.75 -0.52
C THR D 166 12.64 25.80 -1.53
N THR D 167 12.26 24.53 -1.49
CA THR D 167 12.70 23.53 -2.44
C THR D 167 12.34 23.98 -3.87
N GLY D 168 13.33 23.95 -4.78
CA GLY D 168 13.09 24.38 -6.19
C GLY D 168 12.89 25.87 -6.37
N LYS D 169 13.02 26.62 -5.25
CA LYS D 169 12.78 28.04 -5.23
C LYS D 169 11.40 28.39 -5.83
N ASP D 170 10.41 27.53 -5.62
CA ASP D 170 9.11 27.77 -6.24
C ASP D 170 7.94 27.10 -5.51
N TYR D 171 8.13 26.68 -4.26
CA TYR D 171 7.19 25.72 -3.66
C TYR D 171 5.75 26.25 -3.66
N SER D 172 5.54 27.39 -3.02
CA SER D 172 4.15 27.95 -2.98
C SER D 172 3.63 28.44 -4.37
N ASN D 173 4.52 28.99 -5.20
CA ASN D 173 4.11 29.35 -6.58
C ASN D 173 3.56 28.12 -7.32
N ASP D 174 4.34 27.03 -7.25
CA ASP D 174 3.96 25.80 -7.92
C ASP D 174 2.67 25.21 -7.34
N VAL D 175 2.63 25.09 -6.02
CA VAL D 175 1.51 24.50 -5.31
C VAL D 175 0.24 25.32 -5.52
N VAL D 176 0.35 26.64 -5.52
CA VAL D 176 -0.84 27.51 -5.78
C VAL D 176 -1.42 27.27 -7.20
N ALA D 177 -0.55 27.23 -8.20
CA ALA D 177 -0.96 27.09 -9.58
C ALA D 177 -1.59 25.70 -9.82
N ARG D 178 -1.01 24.66 -9.22
CA ARG D 178 -1.63 23.32 -9.19
C ARG D 178 -3.01 23.29 -8.53
N ALA D 179 -3.13 23.94 -7.36
CA ALA D 179 -4.43 24.09 -6.68
C ALA D 179 -5.47 24.80 -7.54
N GLN D 180 -5.02 25.79 -8.29
CA GLN D 180 -5.94 26.53 -9.17
C GLN D 180 -6.48 25.63 -10.29
N TRP D 181 -5.60 24.75 -10.80
CA TRP D 181 -6.03 23.71 -11.76
C TRP D 181 -7.03 22.73 -11.14
N TYR D 182 -6.72 22.18 -9.96
CA TYR D 182 -7.65 21.26 -9.26
C TYR D 182 -8.98 21.89 -8.92
N LYS D 183 -8.93 23.16 -8.56
CA LYS D 183 -10.17 23.91 -8.31
C LYS D 183 -11.11 23.93 -9.54
N LYS D 184 -10.54 24.11 -10.73
CA LYS D 184 -11.34 24.05 -11.96
C LYS D 184 -11.68 22.61 -12.42
N ASN D 185 -11.21 21.61 -11.65
CA ASN D 185 -11.25 20.18 -12.02
C ASN D 185 -11.68 19.19 -10.90
N GLY D 186 -12.73 19.54 -10.16
CA GLY D 186 -13.38 18.55 -9.32
C GLY D 186 -13.18 18.78 -7.84
N PHE D 187 -12.27 19.71 -7.51
CA PHE D 187 -11.95 20.12 -6.13
C PHE D 187 -12.34 21.59 -5.97
#